data_3KAL
#
_entry.id   3KAL
#
_cell.length_a   115.700
_cell.length_b   115.700
_cell.length_c   101.760
_cell.angle_alpha   90.00
_cell.angle_beta   90.00
_cell.angle_gamma   120.00
#
_symmetry.space_group_name_H-M   'P 32'
#
loop_
_entity.id
_entity.type
_entity.pdbx_description
1 polymer 'homoglutathione synthetase'
2 non-polymer "ADENOSINE-5'-DIPHOSPHATE"
3 non-polymer D-gamma-glutamyl-L-cysteinyl-beta-alanine
4 non-polymer 'MAGNESIUM ION'
5 non-polymer 'SULFATE ION'
6 water water
#
_entity_poly.entity_id   1
_entity_poly.type   'polypeptide(L)'
_entity_poly.pdbx_seq_one_letter_code
;MSQPLTTNSVLVEEAAADGDSSAAAPPLFDYHRIDQKLLQNIVYDALVWSTLNCLLVGDKSVQRSGRVPGVGLVHLPLSL
LPGPFPESHWKQGCELAPIFNELVDRVSLDGKFLQESLSRTKNADEFTSRLLDIHSKMLQINKKEDIRMGIVRSDYMIDE
KTKSLLQIEMNTISTSFALIGCLMTGLHKSLLSQYGKFLGLNSNRVPANNAVDQSAEALAKAWSEYNNPRAAILVVVQVE
ERNMYEQHYISALLREKHHIRSIRKTLTEIDQEGKILPDGTLSVDGQAISVVYFRAGYTPKDYPSESEWRARLLMEQSSA
IKCPTISYHLVGTKKIQQELAKPGVLERFVENKDHIAKLRACFAGLWSLEDSDIVKKAIENPELFVMKPQREGGGNNIYG
DELRETLLKLQEAGSQEDAAYILMQRIFPATSPAILVRDGNWDTGHVISEAGIFGTYLRNKDKIIINNESGYMVRTKISS
SYEGGVLPGFGVVDTVYLT
;
_entity_poly.pdbx_strand_id   A,B
#
# COMPACT_ATOMS: atom_id res chain seq x y z
N ALA A 25 7.08 1.99 -37.47
CA ALA A 25 7.24 1.21 -36.16
C ALA A 25 6.93 -0.32 -36.29
N PRO A 26 8.02 -1.16 -36.14
CA PRO A 26 7.87 -2.61 -35.72
C PRO A 26 6.70 -2.69 -34.70
N PRO A 27 5.71 -3.56 -35.01
CA PRO A 27 4.45 -3.55 -34.21
C PRO A 27 4.74 -4.20 -32.83
N LEU A 28 3.96 -3.86 -31.78
CA LEU A 28 4.35 -4.38 -30.45
C LEU A 28 3.73 -5.77 -30.44
N PHE A 29 4.26 -6.67 -29.62
CA PHE A 29 3.55 -7.89 -29.32
C PHE A 29 2.05 -7.66 -29.09
N ASP A 30 1.21 -8.48 -29.79
CA ASP A 30 -0.22 -8.35 -29.68
C ASP A 30 -0.69 -8.96 -28.31
N TYR A 31 -1.07 -8.13 -27.34
CA TYR A 31 -1.33 -8.59 -25.98
C TYR A 31 -2.55 -9.48 -25.81
N HIS A 32 -3.29 -9.68 -26.92
CA HIS A 32 -4.32 -10.78 -26.96
C HIS A 32 -3.73 -12.12 -27.35
N ARG A 33 -2.48 -12.20 -27.75
CA ARG A 33 -1.96 -13.48 -28.13
C ARG A 33 -0.99 -14.11 -27.12
N ILE A 34 -0.90 -13.55 -25.90
CA ILE A 34 -0.04 -14.16 -24.92
C ILE A 34 -0.68 -15.50 -24.42
N ASP A 35 0.16 -16.50 -24.24
CA ASP A 35 -0.32 -17.78 -23.59
C ASP A 35 -1.04 -17.49 -22.35
N GLN A 36 -2.06 -18.31 -22.06
CA GLN A 36 -2.92 -18.13 -20.93
C GLN A 36 -2.13 -18.16 -19.62
N LYS A 37 -1.17 -19.05 -19.49
CA LYS A 37 -0.42 -19.21 -18.30
C LYS A 37 0.60 -18.10 -17.99
N LEU A 38 1.39 -17.68 -18.99
CA LEU A 38 2.18 -16.51 -18.93
C LEU A 38 1.26 -15.28 -18.49
N LEU A 39 0.12 -15.16 -19.15
CA LEU A 39 -0.69 -14.00 -18.91
C LEU A 39 -1.27 -13.99 -17.45
N GLN A 40 -1.66 -15.15 -16.90
CA GLN A 40 -2.18 -15.22 -15.58
C GLN A 40 -1.08 -14.77 -14.58
N ASN A 41 0.14 -15.10 -14.91
CA ASN A 41 1.30 -14.69 -14.06
C ASN A 41 1.54 -13.21 -14.03
N ILE A 42 1.48 -12.58 -15.17
CA ILE A 42 1.64 -11.15 -15.34
C ILE A 42 0.51 -10.43 -14.61
N VAL A 43 -0.74 -10.86 -14.79
CA VAL A 43 -1.87 -10.24 -14.05
C VAL A 43 -1.61 -10.37 -12.51
N TYR A 44 -1.26 -11.61 -12.04
CA TYR A 44 -1.12 -11.85 -10.65
C TYR A 44 -0.02 -10.85 -10.05
N ASP A 45 1.12 -10.80 -10.71
CA ASP A 45 2.24 -9.88 -10.40
C ASP A 45 1.80 -8.43 -10.38
N ALA A 46 0.92 -7.99 -11.31
CA ALA A 46 0.45 -6.63 -11.41
C ALA A 46 -0.43 -6.35 -10.12
N LEU A 47 -1.29 -7.30 -9.70
CA LEU A 47 -2.25 -7.12 -8.57
C LEU A 47 -1.40 -7.00 -7.28
N VAL A 48 -0.37 -7.80 -7.19
CA VAL A 48 0.48 -7.88 -6.03
C VAL A 48 1.28 -6.51 -5.95
N TRP A 49 1.93 -6.06 -7.06
CA TRP A 49 2.61 -4.76 -7.11
C TRP A 49 1.66 -3.59 -6.70
N SER A 50 0.44 -3.54 -7.30
CA SER A 50 -0.57 -2.51 -7.08
C SER A 50 -0.80 -2.39 -5.49
N THR A 51 -0.83 -3.54 -4.83
CA THR A 51 -1.13 -3.62 -3.35
C THR A 51 0.07 -3.07 -2.54
N LEU A 52 1.25 -3.56 -2.81
CA LEU A 52 2.48 -3.21 -2.11
C LEU A 52 2.70 -1.75 -2.23
N ASN A 53 2.28 -1.09 -3.31
CA ASN A 53 2.71 0.26 -3.65
C ASN A 53 1.65 1.26 -3.65
N CYS A 54 0.48 0.84 -3.16
CA CYS A 54 -0.74 1.67 -2.83
C CYS A 54 -1.24 2.22 -4.15
N LEU A 55 -1.21 1.37 -5.25
CA LEU A 55 -2.04 1.65 -6.36
C LEU A 55 -3.51 1.31 -6.12
N LEU A 56 -4.20 2.00 -5.17
CA LEU A 56 -5.40 1.52 -4.54
C LEU A 56 -6.39 2.64 -4.40
N VAL A 57 -7.70 2.43 -4.47
CA VAL A 57 -8.68 3.47 -4.22
C VAL A 57 -9.70 2.83 -3.35
N GLY A 58 -10.65 3.58 -2.73
CA GLY A 58 -11.80 2.97 -2.07
C GLY A 58 -12.65 2.25 -3.15
N ASP A 59 -13.16 1.06 -2.85
CA ASP A 59 -14.04 0.29 -3.85
C ASP A 59 -15.48 0.95 -3.78
N LYS A 60 -15.98 1.41 -4.94
CA LYS A 60 -17.26 2.04 -5.09
C LYS A 60 -18.38 1.14 -4.50
N SER A 61 -18.17 -0.18 -4.40
CA SER A 61 -19.17 -1.07 -3.81
C SER A 61 -19.18 -1.09 -2.28
N VAL A 62 -18.24 -0.40 -1.61
CA VAL A 62 -18.13 -0.49 -0.09
C VAL A 62 -18.52 0.95 0.30
N GLN A 63 -19.67 1.04 0.98
CA GLN A 63 -20.35 2.46 1.18
C GLN A 63 -19.38 3.52 1.83
N ARG A 64 -18.60 3.08 2.84
N ARG A 64 -18.62 3.12 2.86
CA ARG A 64 -17.66 3.91 3.69
CA ARG A 64 -17.75 4.06 3.63
C ARG A 64 -16.30 4.30 3.00
C ARG A 64 -16.30 4.27 3.03
N SER A 65 -16.02 3.70 1.85
CA SER A 65 -14.59 3.65 1.33
C SER A 65 -14.11 5.02 0.78
N GLY A 66 -15.04 5.96 0.64
CA GLY A 66 -14.71 7.32 0.18
C GLY A 66 -14.68 8.24 1.39
N ARG A 67 -14.82 7.72 2.62
N ARG A 67 -14.86 7.68 2.61
CA ARG A 67 -14.58 8.59 3.80
CA ARG A 67 -14.86 8.44 3.91
C ARG A 67 -13.70 7.98 4.95
C ARG A 67 -13.84 7.97 5.00
N VAL A 68 -13.75 6.66 5.12
CA VAL A 68 -13.09 5.96 6.19
C VAL A 68 -11.80 5.37 5.52
N PRO A 69 -10.59 5.92 5.76
CA PRO A 69 -9.37 5.40 5.04
C PRO A 69 -9.20 3.92 5.53
N GLY A 70 -8.56 3.04 4.74
CA GLY A 70 -8.22 1.76 5.33
C GLY A 70 -9.12 0.60 5.11
N VAL A 71 -10.26 0.89 4.53
CA VAL A 71 -11.31 -0.07 4.41
C VAL A 71 -11.86 -0.07 2.97
N GLY A 72 -12.29 -1.26 2.59
CA GLY A 72 -12.82 -1.49 1.26
C GLY A 72 -11.87 -1.02 0.13
N LEU A 73 -10.59 -1.41 0.24
CA LEU A 73 -9.63 -1.07 -0.77
C LEU A 73 -9.63 -2.06 -2.00
N VAL A 74 -9.35 -1.46 -3.12
CA VAL A 74 -9.23 -2.17 -4.43
C VAL A 74 -8.19 -1.55 -5.38
N HIS A 75 -7.45 -2.34 -6.18
CA HIS A 75 -6.50 -1.74 -7.04
C HIS A 75 -7.26 -0.87 -8.07
N LEU A 76 -6.57 0.10 -8.57
CA LEU A 76 -7.02 1.02 -9.66
C LEU A 76 -7.37 0.15 -10.88
N PRO A 77 -8.50 0.45 -11.52
CA PRO A 77 -8.68 -0.21 -12.90
C PRO A 77 -7.51 0.20 -13.84
N LEU A 78 -6.83 -0.81 -14.44
CA LEU A 78 -5.59 -0.57 -15.08
C LEU A 78 -5.56 -1.37 -16.40
N SER A 79 -4.66 -0.93 -17.23
CA SER A 79 -4.22 -1.58 -18.42
C SER A 79 -2.92 -2.31 -18.12
N LEU A 80 -2.86 -3.63 -18.37
CA LEU A 80 -1.73 -4.47 -17.91
C LEU A 80 -0.33 -4.14 -18.46
N LEU A 81 -0.30 -3.70 -19.71
CA LEU A 81 0.95 -3.54 -20.49
C LEU A 81 0.70 -2.26 -21.35
N PRO A 82 1.74 -1.43 -21.54
CA PRO A 82 1.45 -0.17 -22.23
C PRO A 82 1.18 -0.36 -23.85
N GLY A 83 0.45 0.54 -24.41
CA GLY A 83 0.34 0.76 -25.86
C GLY A 83 1.35 1.67 -26.37
N PRO A 84 1.65 1.63 -27.74
CA PRO A 84 2.65 2.35 -28.42
C PRO A 84 2.25 3.92 -28.43
N PHE A 85 3.26 4.79 -28.42
CA PHE A 85 3.01 6.17 -28.62
C PHE A 85 4.35 6.61 -29.18
N PRO A 86 4.33 7.32 -30.34
CA PRO A 86 5.66 7.66 -30.90
C PRO A 86 6.44 8.70 -30.12
N GLU A 87 7.72 8.50 -30.09
CA GLU A 87 8.61 9.29 -29.19
C GLU A 87 8.51 10.78 -29.67
N SER A 88 8.32 10.95 -31.01
CA SER A 88 8.17 12.23 -31.68
C SER A 88 7.00 12.97 -31.11
N HIS A 89 5.87 12.28 -30.92
CA HIS A 89 4.72 12.95 -30.36
C HIS A 89 4.91 13.18 -28.83
N TRP A 90 5.49 12.20 -28.17
CA TRP A 90 5.79 12.32 -26.70
C TRP A 90 6.66 13.61 -26.48
N LYS A 91 7.75 13.77 -27.25
CA LYS A 91 8.50 15.07 -27.30
C LYS A 91 7.69 16.31 -27.53
N GLN A 92 6.76 16.22 -28.47
N GLN A 92 6.70 16.27 -28.43
CA GLN A 92 5.90 17.38 -28.74
CA GLN A 92 5.84 17.46 -28.72
C GLN A 92 5.18 17.76 -27.43
C GLN A 92 4.87 17.82 -27.52
N GLY A 93 4.46 16.78 -26.81
CA GLY A 93 3.69 17.02 -25.53
C GLY A 93 4.60 17.66 -24.44
N CYS A 94 5.84 17.22 -24.36
N CYS A 94 5.86 17.26 -24.35
CA CYS A 94 6.73 17.58 -23.31
CA CYS A 94 6.71 17.63 -23.23
C CYS A 94 6.92 19.04 -23.53
C CYS A 94 7.25 19.04 -23.46
N GLU A 95 7.43 19.37 -24.73
CA GLU A 95 7.63 20.77 -25.14
C GLU A 95 6.60 21.72 -24.88
N LEU A 96 5.39 21.33 -25.19
CA LEU A 96 4.29 22.13 -25.05
C LEU A 96 3.86 22.43 -23.55
N ALA A 97 4.42 21.64 -22.64
CA ALA A 97 4.04 21.90 -21.19
C ALA A 97 4.46 23.29 -20.66
N PRO A 98 5.73 23.69 -20.76
CA PRO A 98 6.04 25.07 -20.24
C PRO A 98 5.41 26.14 -21.11
N ILE A 99 5.18 25.78 -22.42
CA ILE A 99 4.38 26.65 -23.27
C ILE A 99 3.00 26.86 -22.76
N PHE A 100 2.23 25.81 -22.41
CA PHE A 100 0.94 26.01 -21.90
C PHE A 100 0.97 26.63 -20.53
N ASN A 101 2.00 26.31 -19.74
CA ASN A 101 2.05 26.96 -18.38
C ASN A 101 2.02 28.50 -18.58
N GLU A 102 2.94 28.96 -19.43
CA GLU A 102 2.97 30.38 -19.75
C GLU A 102 1.74 30.95 -20.33
N LEU A 103 1.15 30.25 -21.32
CA LEU A 103 -0.15 30.67 -21.84
C LEU A 103 -1.18 30.81 -20.79
N VAL A 104 -1.30 29.79 -19.95
CA VAL A 104 -2.46 29.86 -19.02
C VAL A 104 -2.24 31.08 -18.05
N ASP A 105 -1.00 31.31 -17.64
CA ASP A 105 -0.76 32.45 -16.74
C ASP A 105 -1.10 33.84 -17.45
N ARG A 106 -0.72 33.96 -18.73
CA ARG A 106 -0.89 35.19 -19.54
C ARG A 106 -2.35 35.46 -19.75
N VAL A 107 -3.17 34.38 -19.96
CA VAL A 107 -4.58 34.55 -20.19
C VAL A 107 -5.34 34.83 -18.94
N SER A 108 -4.79 34.34 -17.84
CA SER A 108 -5.49 34.55 -16.56
C SER A 108 -5.43 36.05 -16.13
N LEU A 109 -4.33 36.70 -16.52
CA LEU A 109 -4.06 38.24 -16.30
C LEU A 109 -5.05 39.13 -17.08
N ASP A 110 -5.73 38.58 -18.13
CA ASP A 110 -6.68 39.36 -18.96
C ASP A 110 -8.09 39.17 -18.48
N GLY A 111 -8.44 39.86 -17.39
CA GLY A 111 -9.73 39.65 -16.74
C GLY A 111 -10.90 40.00 -17.65
N LYS A 112 -10.63 41.00 -18.53
CA LYS A 112 -11.60 41.41 -19.59
C LYS A 112 -11.91 40.33 -20.59
N PHE A 113 -10.86 39.71 -21.10
CA PHE A 113 -10.98 38.55 -22.07
C PHE A 113 -11.83 37.46 -21.42
N LEU A 114 -11.56 37.14 -20.14
CA LEU A 114 -12.31 36.03 -19.50
C LEU A 114 -13.73 36.38 -19.35
N GLN A 115 -13.99 37.58 -18.86
CA GLN A 115 -15.37 37.98 -18.54
C GLN A 115 -16.22 38.06 -19.85
N GLU A 116 -15.53 38.53 -20.92
CA GLU A 116 -16.15 38.85 -22.32
C GLU A 116 -16.42 37.56 -23.00
N SER A 117 -15.38 36.69 -23.07
CA SER A 117 -15.59 35.27 -23.62
C SER A 117 -16.77 34.50 -22.96
N LEU A 118 -16.91 34.63 -21.64
CA LEU A 118 -17.92 33.84 -20.85
C LEU A 118 -19.22 34.55 -20.61
N SER A 119 -19.35 35.75 -21.25
CA SER A 119 -20.51 36.61 -21.04
C SER A 119 -21.83 35.93 -21.46
N ARG A 120 -21.82 35.18 -22.55
CA ARG A 120 -23.05 34.44 -22.95
C ARG A 120 -23.22 33.18 -22.06
N THR A 121 -22.09 32.50 -21.79
CA THR A 121 -22.00 31.34 -20.82
C THR A 121 -22.68 31.60 -19.48
N LYS A 122 -22.38 32.77 -18.91
CA LYS A 122 -22.97 33.34 -17.66
C LYS A 122 -24.53 33.17 -17.56
N ASN A 123 -25.19 33.60 -18.62
CA ASN A 123 -26.62 33.39 -18.73
C ASN A 123 -27.10 31.97 -18.96
N ALA A 124 -26.34 31.17 -19.73
CA ALA A 124 -26.71 29.74 -19.94
C ALA A 124 -26.37 28.81 -18.72
N ASP A 125 -25.32 29.20 -17.93
CA ASP A 125 -24.74 28.28 -16.89
C ASP A 125 -24.53 28.91 -15.51
N GLU A 126 -25.42 28.55 -14.59
CA GLU A 126 -25.45 29.06 -13.23
C GLU A 126 -24.08 28.81 -12.49
N PHE A 127 -23.40 27.64 -12.76
CA PHE A 127 -22.15 27.30 -12.07
C PHE A 127 -20.98 28.21 -12.50
N THR A 128 -20.79 28.37 -13.81
CA THR A 128 -19.90 29.32 -14.46
C THR A 128 -20.17 30.80 -14.09
N SER A 129 -21.43 31.14 -13.86
CA SER A 129 -21.86 32.51 -13.52
C SER A 129 -21.33 32.86 -12.05
N ARG A 130 -21.46 31.90 -11.13
CA ARG A 130 -20.91 31.94 -9.75
C ARG A 130 -19.40 32.05 -9.68
N LEU A 131 -18.70 31.22 -10.50
CA LEU A 131 -17.27 31.40 -10.78
C LEU A 131 -17.03 32.81 -11.30
N LEU A 132 -17.77 33.24 -12.34
CA LEU A 132 -17.56 34.64 -12.80
C LEU A 132 -17.76 35.78 -11.79
N ASP A 133 -18.72 35.66 -10.89
CA ASP A 133 -18.99 36.57 -9.78
C ASP A 133 -17.84 36.65 -8.79
N ILE A 134 -17.29 35.49 -8.39
CA ILE A 134 -16.07 35.58 -7.61
C ILE A 134 -14.94 36.34 -8.36
N HIS A 135 -14.75 36.06 -9.63
CA HIS A 135 -13.66 36.67 -10.31
C HIS A 135 -13.96 38.26 -10.45
N SER A 136 -15.19 38.60 -10.80
CA SER A 136 -15.66 40.03 -10.84
C SER A 136 -15.23 40.72 -9.50
N LYS A 137 -15.58 40.10 -8.35
CA LYS A 137 -15.18 40.59 -7.04
C LYS A 137 -13.71 40.87 -6.88
N MET A 138 -12.85 40.02 -7.46
N MET A 138 -12.91 39.91 -7.35
CA MET A 138 -11.36 40.11 -7.32
CA MET A 138 -11.48 40.04 -7.36
C MET A 138 -10.74 41.17 -8.31
C MET A 138 -11.21 41.32 -8.07
N LEU A 139 -11.47 41.35 -9.39
CA LEU A 139 -11.24 42.49 -10.27
C LEU A 139 -11.39 43.90 -9.61
N GLN A 140 -12.49 44.11 -8.86
CA GLN A 140 -12.74 45.34 -8.04
C GLN A 140 -11.68 45.49 -6.93
N ILE A 141 -11.65 44.55 -5.97
CA ILE A 141 -10.59 44.49 -5.01
C ILE A 141 -9.26 44.86 -5.72
N ASN A 142 -9.03 44.44 -6.96
CA ASN A 142 -7.70 44.65 -7.67
C ASN A 142 -6.43 44.48 -6.82
N LYS A 143 -6.36 43.53 -5.88
CA LYS A 143 -5.15 43.50 -4.94
C LYS A 143 -3.92 43.11 -5.79
N LYS A 144 -2.75 43.61 -5.55
CA LYS A 144 -1.74 43.18 -6.51
C LYS A 144 -1.00 42.01 -5.82
N GLU A 145 -1.01 40.83 -6.50
CA GLU A 145 -0.45 39.54 -5.93
C GLU A 145 0.80 39.18 -6.72
N ASP A 146 2.00 39.25 -6.19
CA ASP A 146 3.04 39.02 -7.12
C ASP A 146 3.34 37.46 -7.36
N ILE A 147 2.71 36.66 -6.54
CA ILE A 147 3.05 35.17 -6.44
C ILE A 147 1.84 34.39 -7.08
N ARG A 148 2.10 33.72 -8.20
CA ARG A 148 1.08 32.85 -8.88
C ARG A 148 1.75 31.49 -9.13
N MET A 149 0.90 30.45 -9.02
N MET A 149 1.00 30.38 -8.84
CA MET A 149 1.23 29.08 -9.18
CA MET A 149 1.39 29.04 -9.19
C MET A 149 0.17 28.34 -10.04
C MET A 149 0.21 28.23 -9.87
N GLY A 150 0.65 27.24 -10.63
CA GLY A 150 -0.34 26.20 -11.22
C GLY A 150 0.14 24.78 -11.10
N ILE A 151 -0.78 23.84 -10.87
CA ILE A 151 -0.38 22.44 -11.02
C ILE A 151 -1.45 21.94 -12.10
N VAL A 152 -1.00 21.85 -13.34
CA VAL A 152 -2.04 21.62 -14.41
C VAL A 152 -1.67 20.45 -15.25
N ARG A 153 -2.57 20.13 -16.22
CA ARG A 153 -2.44 18.85 -17.02
C ARG A 153 -3.07 19.17 -18.39
N SER A 154 -2.23 19.10 -19.38
CA SER A 154 -2.72 19.17 -20.77
C SER A 154 -2.86 17.68 -21.38
N ASP A 155 -4.08 17.38 -21.77
CA ASP A 155 -4.43 16.03 -22.25
C ASP A 155 -4.55 15.96 -23.79
N TYR A 156 -3.90 14.97 -24.39
CA TYR A 156 -3.76 14.82 -25.86
C TYR A 156 -4.16 13.41 -26.35
N MET A 157 -4.69 13.34 -27.60
CA MET A 157 -4.88 12.02 -28.33
C MET A 157 -4.15 12.19 -29.65
N ILE A 158 -3.54 11.15 -30.19
CA ILE A 158 -2.95 11.30 -31.52
C ILE A 158 -4.06 10.90 -32.54
N ASP A 159 -4.54 11.87 -33.37
CA ASP A 159 -5.60 11.51 -34.36
C ASP A 159 -4.96 10.66 -35.55
N GLU A 160 -5.48 9.46 -35.86
CA GLU A 160 -4.76 8.57 -36.80
C GLU A 160 -4.56 9.15 -38.25
N LYS A 161 -5.65 9.60 -38.86
CA LYS A 161 -5.70 10.15 -40.26
C LYS A 161 -5.08 11.45 -40.04
N THR A 162 -3.92 11.75 -40.53
CA THR A 162 -3.08 12.90 -39.95
C THR A 162 -2.42 12.32 -38.69
N LYS A 163 -1.09 12.30 -38.69
CA LYS A 163 -0.66 11.59 -37.54
C LYS A 163 -0.42 12.83 -36.54
N SER A 164 -1.44 13.46 -35.90
CA SER A 164 -1.11 14.63 -35.07
C SER A 164 -1.62 14.56 -33.64
N LEU A 165 -0.72 15.00 -32.79
CA LEU A 165 -0.98 15.16 -31.34
C LEU A 165 -1.88 16.35 -31.19
N LEU A 166 -3.07 16.14 -30.77
CA LEU A 166 -4.09 17.12 -30.54
C LEU A 166 -4.52 17.16 -29.10
N GLN A 167 -4.68 18.37 -28.57
CA GLN A 167 -5.20 18.59 -27.20
C GLN A 167 -6.73 18.38 -27.10
N ILE A 168 -7.06 17.49 -26.20
CA ILE A 168 -8.44 17.19 -25.85
C ILE A 168 -8.95 18.35 -24.97
N GLU A 169 -8.15 18.66 -23.93
CA GLU A 169 -8.55 19.66 -23.01
C GLU A 169 -7.33 20.10 -22.16
N MET A 170 -7.55 21.27 -21.55
CA MET A 170 -6.60 21.85 -20.55
C MET A 170 -7.17 21.77 -19.17
N ASN A 171 -6.39 21.15 -18.21
CA ASN A 171 -6.99 21.02 -16.92
C ASN A 171 -6.19 21.99 -15.98
N THR A 172 -6.84 23.04 -15.51
CA THR A 172 -6.10 24.01 -14.61
C THR A 172 -6.44 23.87 -13.12
N ILE A 173 -7.33 22.95 -12.82
CA ILE A 173 -7.86 22.81 -11.45
C ILE A 173 -7.95 21.33 -11.00
N SER A 174 -7.55 21.04 -9.73
CA SER A 174 -7.60 19.68 -9.15
C SER A 174 -7.27 18.51 -10.13
N THR A 175 -6.09 18.59 -10.75
CA THR A 175 -5.68 17.63 -11.77
C THR A 175 -5.34 16.31 -10.95
N SER A 176 -6.00 15.21 -11.27
N SER A 176 -5.98 15.21 -11.30
CA SER A 176 -5.71 13.98 -10.55
CA SER A 176 -5.73 13.95 -10.66
C SER A 176 -4.64 13.18 -11.27
C SER A 176 -4.57 13.20 -11.28
N PHE A 177 -4.20 12.12 -10.58
CA PHE A 177 -3.32 11.11 -11.06
C PHE A 177 -1.89 11.39 -11.20
N ALA A 178 -1.33 12.48 -10.48
CA ALA A 178 0.06 12.49 -10.36
C ALA A 178 0.67 11.31 -9.62
N LEU A 179 0.03 10.79 -8.59
CA LEU A 179 0.62 9.68 -7.89
C LEU A 179 0.26 8.40 -8.78
N ILE A 180 -0.97 8.34 -9.18
CA ILE A 180 -1.45 7.12 -10.01
C ILE A 180 -0.63 6.97 -11.30
N GLY A 181 -0.46 8.08 -12.08
CA GLY A 181 0.47 8.05 -13.21
C GLY A 181 1.88 7.57 -12.86
N CYS A 182 2.57 8.11 -11.81
CA CYS A 182 3.93 7.62 -11.51
C CYS A 182 3.89 6.15 -11.06
N LEU A 183 2.80 5.69 -10.34
CA LEU A 183 2.80 4.32 -9.79
C LEU A 183 2.55 3.38 -11.06
N MET A 184 1.80 3.90 -11.98
CA MET A 184 1.54 3.10 -13.21
C MET A 184 2.88 2.93 -13.98
N THR A 185 3.70 4.01 -14.08
CA THR A 185 5.09 3.91 -14.57
C THR A 185 5.94 2.85 -13.83
N GLY A 186 5.86 2.88 -12.52
CA GLY A 186 6.56 1.92 -11.68
C GLY A 186 6.04 0.45 -12.05
N LEU A 187 4.70 0.22 -12.07
CA LEU A 187 4.12 -1.07 -12.40
C LEU A 187 4.62 -1.55 -13.76
N HIS A 188 4.48 -0.70 -14.76
CA HIS A 188 4.79 -1.22 -16.17
C HIS A 188 6.28 -1.46 -16.26
N LYS A 189 7.11 -0.62 -15.61
CA LYS A 189 8.55 -0.85 -15.59
C LYS A 189 8.88 -2.16 -14.91
N SER A 190 8.13 -2.50 -13.84
CA SER A 190 8.40 -3.72 -13.05
C SER A 190 7.88 -4.95 -13.92
N LEU A 191 6.73 -4.84 -14.61
CA LEU A 191 6.19 -5.99 -15.37
C LEU A 191 7.14 -6.16 -16.57
N LEU A 192 7.59 -5.08 -17.23
CA LEU A 192 8.55 -5.26 -18.33
C LEU A 192 9.94 -5.79 -17.90
N SER A 193 10.49 -5.34 -16.78
N SER A 193 10.53 -5.40 -16.78
CA SER A 193 11.71 -5.98 -16.34
CA SER A 193 11.80 -6.02 -16.44
C SER A 193 11.59 -7.49 -16.23
C SER A 193 11.66 -7.55 -16.11
N GLN A 194 10.50 -8.01 -15.63
CA GLN A 194 10.32 -9.45 -15.40
C GLN A 194 9.95 -10.19 -16.79
N TYR A 195 9.04 -9.60 -17.54
CA TYR A 195 8.41 -10.23 -18.66
C TYR A 195 8.78 -9.69 -20.04
N GLY A 196 9.53 -8.60 -20.06
CA GLY A 196 9.86 -7.91 -21.34
C GLY A 196 10.60 -8.86 -22.34
N LYS A 197 11.46 -9.75 -21.84
CA LYS A 197 12.20 -10.62 -22.67
C LYS A 197 11.23 -11.54 -23.50
N PHE A 198 10.22 -12.16 -22.88
CA PHE A 198 9.16 -12.92 -23.55
C PHE A 198 8.39 -12.09 -24.58
N LEU A 199 8.35 -10.74 -24.48
CA LEU A 199 7.47 -9.87 -25.28
C LEU A 199 8.18 -8.97 -26.30
N GLY A 200 9.52 -8.97 -26.38
CA GLY A 200 10.16 -8.04 -27.29
C GLY A 200 10.03 -6.62 -26.75
N LEU A 201 9.88 -6.47 -25.41
CA LEU A 201 9.59 -5.12 -24.77
C LEU A 201 10.65 -4.75 -23.73
N ASN A 202 11.00 -3.49 -23.70
CA ASN A 202 12.06 -3.06 -22.80
C ASN A 202 11.46 -1.99 -21.82
N SER A 203 11.74 -2.07 -20.50
CA SER A 203 11.14 -1.07 -19.45
C SER A 203 11.60 0.28 -19.74
N ASN A 204 12.76 0.43 -20.37
CA ASN A 204 13.27 1.79 -20.67
C ASN A 204 12.44 2.61 -21.65
N ARG A 205 11.58 2.01 -22.46
CA ARG A 205 10.77 2.73 -23.43
C ARG A 205 9.42 3.21 -22.84
N VAL A 206 9.21 2.87 -21.55
CA VAL A 206 8.18 3.57 -20.72
C VAL A 206 8.79 4.84 -20.06
N PRO A 207 8.27 6.00 -20.44
CA PRO A 207 9.09 7.18 -20.09
C PRO A 207 9.26 7.25 -18.53
N ALA A 208 10.45 7.67 -18.05
CA ALA A 208 10.54 8.14 -16.57
C ALA A 208 9.44 9.14 -16.09
N ASN A 209 9.00 8.99 -14.84
CA ASN A 209 7.82 9.73 -14.44
C ASN A 209 8.12 10.20 -12.90
N ASN A 210 8.08 11.50 -12.72
CA ASN A 210 8.33 12.11 -11.40
C ASN A 210 7.07 12.93 -10.95
N ALA A 211 5.84 12.63 -11.44
CA ALA A 211 4.79 13.60 -11.45
C ALA A 211 4.37 13.96 -9.93
N VAL A 212 4.19 12.93 -9.11
CA VAL A 212 3.75 13.23 -7.71
C VAL A 212 4.80 14.08 -6.90
N ASP A 213 6.06 13.72 -7.06
CA ASP A 213 7.18 14.41 -6.42
C ASP A 213 7.23 15.86 -6.94
N GLN A 214 6.99 16.06 -8.24
CA GLN A 214 6.96 17.41 -8.80
C GLN A 214 5.79 18.29 -8.30
N SER A 215 4.64 17.69 -8.24
N SER A 215 4.59 17.77 -8.19
CA SER A 215 3.40 18.21 -7.65
CA SER A 215 3.44 18.53 -7.67
C SER A 215 3.83 18.76 -6.23
C SER A 215 3.71 18.81 -6.11
N ALA A 216 4.31 17.83 -5.36
CA ALA A 216 4.63 18.25 -3.91
C ALA A 216 5.70 19.39 -3.92
N GLU A 217 6.65 19.34 -4.80
CA GLU A 217 7.75 20.33 -4.90
C GLU A 217 7.18 21.69 -5.23
N ALA A 218 6.13 21.76 -6.12
CA ALA A 218 5.63 23.05 -6.56
C ALA A 218 4.89 23.68 -5.36
N LEU A 219 4.09 22.87 -4.69
CA LEU A 219 3.35 23.27 -3.46
C LEU A 219 4.35 23.79 -2.34
N ALA A 220 5.40 23.03 -2.02
CA ALA A 220 6.47 23.42 -1.07
C ALA A 220 7.16 24.72 -1.46
N LYS A 221 7.54 24.86 -2.75
CA LYS A 221 8.23 26.08 -3.19
C LYS A 221 7.28 27.31 -3.14
N ALA A 222 6.03 27.15 -3.53
CA ALA A 222 5.02 28.27 -3.39
C ALA A 222 4.94 28.69 -1.87
N TRP A 223 4.81 27.68 -1.00
CA TRP A 223 4.75 27.86 0.52
C TRP A 223 6.02 28.69 1.06
N SER A 224 7.17 28.35 0.51
CA SER A 224 8.46 29.04 0.66
C SER A 224 8.43 30.46 0.11
N GLU A 225 7.75 30.72 -1.00
CA GLU A 225 7.71 32.08 -1.57
C GLU A 225 6.88 32.92 -0.68
N TYR A 226 5.77 32.40 -0.21
CA TYR A 226 4.83 33.16 0.68
C TYR A 226 5.73 33.50 1.96
N ASN A 227 6.55 32.51 2.37
CA ASN A 227 7.61 32.67 3.41
C ASN A 227 7.05 32.98 4.76
N ASN A 228 6.24 32.09 5.36
CA ASN A 228 5.83 32.13 6.73
C ASN A 228 5.97 30.64 7.20
N PRO A 229 7.02 30.35 8.04
CA PRO A 229 7.21 28.90 8.34
C PRO A 229 6.25 28.24 9.29
N ARG A 230 5.36 29.03 9.87
CA ARG A 230 4.35 28.44 10.73
C ARG A 230 2.98 28.27 10.07
N ALA A 231 2.87 28.80 8.89
CA ALA A 231 1.71 28.61 8.04
C ALA A 231 1.62 27.11 7.49
N ALA A 232 0.39 26.74 7.18
CA ALA A 232 0.16 25.38 6.63
C ALA A 232 -0.44 25.54 5.21
N ILE A 233 -0.51 24.40 4.62
CA ILE A 233 -1.16 24.19 3.28
C ILE A 233 -2.56 23.65 3.56
N LEU A 234 -3.60 24.33 3.04
CA LEU A 234 -4.92 23.88 3.18
C LEU A 234 -5.27 23.05 1.89
N VAL A 235 -5.67 21.81 2.16
CA VAL A 235 -6.13 21.00 0.93
C VAL A 235 -7.62 20.94 0.90
N VAL A 236 -8.18 21.37 -0.23
CA VAL A 236 -9.64 21.48 -0.27
C VAL A 236 -10.15 20.17 -0.91
N VAL A 237 -10.97 19.45 -0.20
CA VAL A 237 -11.32 18.11 -0.69
C VAL A 237 -12.83 17.96 -0.76
N GLN A 238 -13.28 16.86 -1.46
CA GLN A 238 -14.68 16.61 -1.58
C GLN A 238 -15.08 15.79 -0.43
N VAL A 239 -16.37 15.77 -0.23
CA VAL A 239 -16.95 15.05 0.92
C VAL A 239 -16.69 13.55 0.77
N GLU A 240 -16.79 13.02 -0.47
CA GLU A 240 -16.49 11.59 -0.67
C GLU A 240 -15.37 11.55 -1.65
N GLU A 241 -14.36 10.82 -1.27
CA GLU A 241 -13.18 10.86 -2.08
C GLU A 241 -12.55 9.54 -2.05
N ARG A 242 -12.99 8.66 -2.94
CA ARG A 242 -12.36 7.32 -3.02
C ARG A 242 -10.90 7.36 -3.50
N ASN A 243 -10.52 8.43 -4.20
CA ASN A 243 -9.12 8.62 -4.66
C ASN A 243 -8.28 9.44 -3.57
N MET A 244 -8.72 9.38 -2.35
CA MET A 244 -8.07 10.10 -1.23
C MET A 244 -6.62 9.81 -1.03
N TYR A 245 -6.18 8.58 -1.33
CA TYR A 245 -4.79 8.17 -1.09
C TYR A 245 -3.74 8.95 -1.81
N GLU A 246 -4.07 9.33 -3.05
CA GLU A 246 -3.24 10.24 -3.75
C GLU A 246 -3.12 11.59 -2.99
N GLN A 247 -4.18 12.18 -2.49
CA GLN A 247 -4.03 13.42 -1.64
CA GLN A 247 -4.38 13.35 -1.53
C GLN A 247 -3.19 13.14 -0.41
C GLN A 247 -3.34 13.16 -0.42
N HIS A 248 -3.57 12.07 0.33
CA HIS A 248 -2.71 11.61 1.45
C HIS A 248 -1.25 11.47 1.13
N TYR A 249 -0.88 10.90 -0.06
CA TYR A 249 0.49 10.75 -0.45
C TYR A 249 1.15 12.11 -0.61
N ILE A 250 0.48 13.06 -1.25
CA ILE A 250 1.11 14.40 -1.44
C ILE A 250 1.35 15.09 -0.03
N SER A 251 0.34 15.05 0.86
CA SER A 251 0.52 15.61 2.18
C SER A 251 1.61 14.82 2.93
N ALA A 252 1.69 13.51 2.79
CA ALA A 252 2.87 12.83 3.34
C ALA A 252 4.23 13.31 2.81
N LEU A 253 4.36 13.48 1.51
CA LEU A 253 5.56 14.09 0.98
C LEU A 253 5.83 15.50 1.58
N LEU A 254 4.82 16.39 1.62
CA LEU A 254 4.91 17.76 2.12
C LEU A 254 5.48 17.68 3.62
N ARG A 255 4.89 16.76 4.41
CA ARG A 255 5.26 16.62 5.82
C ARG A 255 6.62 16.02 5.98
N GLU A 256 6.88 14.84 5.35
CA GLU A 256 8.10 14.13 5.59
C GLU A 256 9.35 14.68 4.86
N LYS A 257 9.16 15.22 3.68
CA LYS A 257 10.29 15.54 2.87
C LYS A 257 10.48 17.04 2.99
N HIS A 258 9.40 17.85 3.00
CA HIS A 258 9.53 19.29 2.84
C HIS A 258 9.30 20.00 4.24
N HIS A 259 8.87 19.23 5.24
CA HIS A 259 8.50 19.59 6.58
C HIS A 259 7.46 20.70 6.63
N ILE A 260 6.34 20.56 5.88
CA ILE A 260 5.25 21.52 5.75
C ILE A 260 4.00 20.77 6.20
N ARG A 261 3.36 21.31 7.17
CA ARG A 261 2.00 20.88 7.54
C ARG A 261 0.84 21.11 6.53
N SER A 262 -0.07 20.10 6.42
CA SER A 262 -1.27 20.21 5.58
C SER A 262 -2.45 20.06 6.46
N ILE A 263 -3.53 20.71 6.15
CA ILE A 263 -4.79 20.30 6.78
C ILE A 263 -5.89 20.03 5.62
N ARG A 264 -6.79 19.08 5.81
CA ARG A 264 -7.82 18.87 4.79
C ARG A 264 -9.17 19.19 5.27
N LYS A 265 -9.89 19.96 4.47
CA LYS A 265 -11.22 20.50 4.84
C LYS A 265 -12.11 20.48 3.59
N THR A 266 -13.39 20.15 3.77
CA THR A 266 -14.28 20.30 2.65
C THR A 266 -14.60 21.88 2.57
N LEU A 267 -15.13 22.43 1.45
CA LEU A 267 -15.64 23.74 1.42
C LEU A 267 -16.58 24.14 2.60
N THR A 268 -17.48 23.20 2.97
CA THR A 268 -18.42 23.57 4.05
C THR A 268 -17.65 23.72 5.38
N GLU A 269 -16.70 22.85 5.67
CA GLU A 269 -15.91 23.01 6.89
C GLU A 269 -15.10 24.33 6.83
N ILE A 270 -14.59 24.75 5.66
CA ILE A 270 -13.91 26.07 5.47
C ILE A 270 -14.89 27.25 5.80
N ASP A 271 -16.17 27.12 5.42
CA ASP A 271 -17.08 28.18 5.73
C ASP A 271 -17.36 28.16 7.23
N GLN A 272 -17.36 27.02 7.87
CA GLN A 272 -17.66 26.90 9.27
C GLN A 272 -16.47 27.31 10.20
N GLU A 273 -15.24 26.95 9.83
CA GLU A 273 -14.06 27.21 10.61
C GLU A 273 -13.09 28.28 10.07
N GLY A 274 -13.35 28.93 8.90
CA GLY A 274 -12.39 29.82 8.25
C GLY A 274 -12.66 31.32 8.57
N LYS A 275 -11.66 32.21 8.47
CA LYS A 275 -11.89 33.64 8.61
C LYS A 275 -10.61 34.24 8.05
N ILE A 276 -10.70 35.53 7.64
CA ILE A 276 -9.58 36.28 7.23
C ILE A 276 -9.12 37.12 8.47
N LEU A 277 -7.85 36.97 8.84
CA LEU A 277 -7.28 37.70 9.99
C LEU A 277 -7.16 39.15 9.61
N PRO A 278 -7.06 40.01 10.66
CA PRO A 278 -6.94 41.45 10.28
C PRO A 278 -5.78 41.71 9.28
N ASP A 279 -4.70 40.95 9.33
CA ASP A 279 -3.63 41.20 8.38
C ASP A 279 -3.88 40.60 6.94
N GLY A 280 -5.08 40.08 6.66
CA GLY A 280 -5.41 39.52 5.36
C GLY A 280 -5.13 38.02 5.31
N THR A 281 -4.63 37.46 6.43
CA THR A 281 -4.27 36.04 6.49
C THR A 281 -5.39 35.03 6.78
N LEU A 282 -5.63 34.10 5.78
CA LEU A 282 -6.65 33.04 5.94
C LEU A 282 -6.32 32.19 7.15
N SER A 283 -7.31 31.93 8.01
CA SER A 283 -7.06 31.09 9.16
C SER A 283 -8.13 30.11 9.16
N VAL A 284 -7.78 28.82 9.27
CA VAL A 284 -8.84 27.83 9.30
C VAL A 284 -8.67 26.97 10.58
N ASP A 285 -9.74 26.91 11.33
CA ASP A 285 -9.80 26.30 12.64
C ASP A 285 -8.59 26.72 13.57
N GLY A 286 -8.17 27.95 13.46
CA GLY A 286 -7.06 28.41 14.27
C GLY A 286 -5.69 28.22 13.64
N GLN A 287 -5.63 27.75 12.39
CA GLN A 287 -4.32 27.50 11.77
C GLN A 287 -4.13 28.45 10.61
N ALA A 288 -3.05 29.28 10.60
CA ALA A 288 -2.75 30.15 9.47
C ALA A 288 -2.42 29.28 8.20
N ILE A 289 -2.97 29.73 7.09
CA ILE A 289 -2.84 29.01 5.79
C ILE A 289 -2.08 29.90 4.78
N SER A 290 -0.97 29.43 4.27
CA SER A 290 -0.39 30.32 3.28
C SER A 290 -0.59 29.85 1.74
N VAL A 291 -0.92 28.57 1.67
CA VAL A 291 -1.21 27.91 0.32
C VAL A 291 -2.59 27.18 0.39
N VAL A 292 -3.40 27.30 -0.71
CA VAL A 292 -4.66 26.52 -0.80
C VAL A 292 -4.53 25.69 -2.07
N TYR A 293 -4.55 24.36 -1.88
CA TYR A 293 -4.41 23.43 -2.95
C TYR A 293 -5.83 22.78 -3.20
N PHE A 294 -6.40 22.99 -4.38
CA PHE A 294 -7.82 22.50 -4.57
C PHE A 294 -7.78 21.10 -5.09
N ARG A 295 -8.47 20.23 -4.38
CA ARG A 295 -8.84 18.86 -4.91
C ARG A 295 -10.35 18.77 -4.98
N ALA A 296 -10.92 19.94 -5.21
CA ALA A 296 -12.38 20.09 -5.16
C ALA A 296 -12.72 21.52 -5.61
N GLY A 297 -14.05 21.73 -5.81
CA GLY A 297 -14.67 23.02 -6.17
C GLY A 297 -14.74 23.22 -7.66
N TYR A 298 -14.56 22.18 -8.48
CA TYR A 298 -14.51 22.30 -9.95
C TYR A 298 -15.82 21.72 -10.49
N THR A 299 -16.74 21.41 -9.64
CA THR A 299 -18.05 20.85 -9.98
C THR A 299 -19.10 21.48 -9.08
N PRO A 300 -20.32 21.75 -9.66
CA PRO A 300 -21.51 22.20 -8.94
C PRO A 300 -21.93 21.29 -7.85
N LYS A 301 -21.57 20.02 -7.93
CA LYS A 301 -21.86 19.03 -6.91
C LYS A 301 -21.10 19.39 -5.56
N ASP A 302 -20.01 20.15 -5.67
CA ASP A 302 -19.24 20.59 -4.45
C ASP A 302 -19.82 21.77 -3.65
N TYR A 303 -20.80 22.39 -4.29
CA TYR A 303 -21.58 23.57 -3.76
C TYR A 303 -23.07 23.26 -3.55
N PRO A 304 -23.39 22.35 -2.64
CA PRO A 304 -24.81 22.22 -2.30
C PRO A 304 -25.59 23.43 -1.71
N SER A 305 -24.93 24.43 -1.10
CA SER A 305 -25.54 25.58 -0.39
C SER A 305 -24.64 26.80 -0.63
N GLU A 306 -25.13 27.95 -0.16
CA GLU A 306 -24.33 29.19 -0.08
C GLU A 306 -23.08 29.05 0.83
N SER A 307 -23.05 28.10 1.81
CA SER A 307 -21.79 27.82 2.56
C SER A 307 -20.51 27.67 1.69
N GLU A 308 -20.63 26.80 0.69
CA GLU A 308 -19.47 26.50 -0.13
C GLU A 308 -19.02 27.66 -1.01
N TRP A 309 -19.99 28.46 -1.50
CA TRP A 309 -19.69 29.63 -2.29
C TRP A 309 -19.03 30.67 -1.39
N ARG A 310 -19.53 30.72 -0.20
CA ARG A 310 -18.95 31.75 0.72
C ARG A 310 -17.53 31.35 1.04
N ALA A 311 -17.30 30.04 1.37
CA ALA A 311 -15.94 29.46 1.59
C ALA A 311 -15.03 29.77 0.43
N ARG A 312 -15.46 29.56 -0.85
CA ARG A 312 -14.65 29.84 -2.02
C ARG A 312 -14.25 31.31 -2.10
N LEU A 313 -15.23 32.19 -1.98
CA LEU A 313 -14.97 33.70 -1.99
C LEU A 313 -13.96 34.10 -0.82
N LEU A 314 -14.21 33.52 0.37
CA LEU A 314 -13.35 33.75 1.57
C LEU A 314 -11.93 33.42 1.27
N MET A 315 -11.66 32.26 0.70
CA MET A 315 -10.34 31.96 0.39
C MET A 315 -9.72 32.80 -0.67
N GLU A 316 -10.46 33.15 -1.76
CA GLU A 316 -9.94 34.00 -2.84
C GLU A 316 -9.52 35.41 -2.33
N GLN A 317 -10.37 35.99 -1.48
CA GLN A 317 -10.06 37.31 -0.77
C GLN A 317 -8.81 37.24 0.12
N SER A 318 -8.44 36.05 0.64
N SER A 318 -8.56 36.09 0.81
CA SER A 318 -7.18 35.94 1.37
CA SER A 318 -7.29 35.88 1.60
C SER A 318 -5.86 36.05 0.67
C SER A 318 -6.02 36.07 0.80
N SER A 319 -4.90 36.32 1.53
CA SER A 319 -3.51 36.48 1.00
C SER A 319 -2.91 35.12 0.59
N ALA A 320 -3.58 33.98 0.92
CA ALA A 320 -3.01 32.70 0.60
C ALA A 320 -2.78 32.50 -0.91
N ILE A 321 -1.72 31.83 -1.26
CA ILE A 321 -1.48 31.47 -2.67
C ILE A 321 -2.52 30.38 -3.06
N LYS A 322 -3.43 30.68 -4.02
CA LYS A 322 -4.39 29.61 -4.51
C LYS A 322 -3.70 28.76 -5.63
N CYS A 323 -3.99 27.43 -5.63
CA CYS A 323 -3.52 26.58 -6.69
C CYS A 323 -4.85 25.78 -7.09
N PRO A 324 -5.66 26.28 -8.01
CA PRO A 324 -5.32 27.57 -8.66
C PRO A 324 -6.19 28.71 -8.17
N THR A 325 -5.83 29.95 -8.62
CA THR A 325 -6.75 31.04 -8.49
C THR A 325 -8.03 31.01 -9.37
N ILE A 326 -9.04 31.84 -9.04
CA ILE A 326 -10.25 31.90 -9.72
C ILE A 326 -9.98 32.19 -11.24
N SER A 327 -9.04 33.08 -11.62
CA SER A 327 -8.70 33.38 -13.03
C SER A 327 -8.14 32.13 -13.74
N TYR A 328 -7.28 31.39 -13.03
CA TYR A 328 -6.72 30.10 -13.64
C TYR A 328 -7.84 29.12 -13.87
N HIS A 329 -8.76 29.01 -12.93
CA HIS A 329 -9.92 28.13 -13.00
C HIS A 329 -10.75 28.45 -14.33
N LEU A 330 -11.21 29.72 -14.50
CA LEU A 330 -11.78 30.16 -15.70
C LEU A 330 -10.99 29.82 -16.96
N VAL A 331 -9.68 29.94 -17.01
CA VAL A 331 -8.92 29.65 -18.17
C VAL A 331 -9.16 28.21 -18.63
N GLY A 332 -9.40 27.32 -17.63
CA GLY A 332 -9.46 25.91 -17.97
C GLY A 332 -10.87 25.52 -18.49
N THR A 333 -11.89 26.45 -18.56
CA THR A 333 -13.23 26.17 -19.08
C THR A 333 -13.09 25.80 -20.56
N LYS A 334 -14.00 24.97 -21.10
CA LYS A 334 -13.84 24.47 -22.53
C LYS A 334 -14.25 25.68 -23.44
N LYS A 335 -15.12 26.55 -22.94
CA LYS A 335 -15.29 27.89 -23.67
C LYS A 335 -14.04 28.67 -23.99
N ILE A 336 -13.16 28.92 -22.98
CA ILE A 336 -11.86 29.54 -23.33
C ILE A 336 -10.96 28.76 -24.18
N GLN A 337 -10.95 27.44 -23.99
CA GLN A 337 -10.08 26.65 -24.88
C GLN A 337 -10.57 26.89 -26.38
N GLN A 338 -11.88 26.91 -26.53
CA GLN A 338 -12.57 27.20 -27.89
C GLN A 338 -12.21 28.64 -28.31
N GLU A 339 -12.45 29.66 -27.41
CA GLU A 339 -11.99 31.10 -27.74
C GLU A 339 -10.54 31.21 -28.14
N LEU A 340 -9.63 30.53 -27.41
CA LEU A 340 -8.20 30.65 -27.73
C LEU A 340 -7.87 30.19 -29.12
N ALA A 341 -8.75 29.32 -29.67
CA ALA A 341 -8.48 28.62 -30.93
C ALA A 341 -8.93 29.51 -32.14
N LYS A 342 -9.84 30.44 -31.85
CA LYS A 342 -10.24 31.57 -32.81
C LYS A 342 -9.05 32.25 -33.41
N PRO A 343 -9.11 32.58 -34.76
CA PRO A 343 -7.87 33.13 -35.37
C PRO A 343 -7.42 34.52 -34.78
N GLY A 344 -6.08 34.70 -34.69
CA GLY A 344 -5.40 35.80 -33.96
C GLY A 344 -5.63 35.97 -32.43
N VAL A 345 -6.54 35.21 -31.79
CA VAL A 345 -6.82 35.27 -30.33
C VAL A 345 -5.58 34.80 -29.53
N LEU A 346 -5.01 33.63 -29.87
CA LEU A 346 -3.71 33.20 -29.29
C LEU A 346 -2.65 34.26 -29.34
N GLU A 347 -2.61 34.96 -30.46
CA GLU A 347 -1.54 35.90 -30.76
C GLU A 347 -1.55 37.11 -29.81
N ARG A 348 -2.67 37.39 -29.15
CA ARG A 348 -2.72 38.36 -28.09
C ARG A 348 -1.84 37.92 -26.92
N PHE A 349 -1.65 36.58 -26.77
CA PHE A 349 -1.19 36.07 -25.45
C PHE A 349 0.14 35.44 -25.50
N VAL A 350 0.78 35.39 -26.67
CA VAL A 350 2.03 34.68 -26.82
C VAL A 350 2.80 35.57 -27.81
N GLU A 351 4.12 35.65 -27.68
CA GLU A 351 4.86 36.62 -28.52
C GLU A 351 5.76 35.77 -29.40
N ASN A 352 6.22 34.68 -28.76
CA ASN A 352 7.16 33.77 -29.31
C ASN A 352 6.47 33.06 -30.53
N LYS A 353 7.03 33.28 -31.74
CA LYS A 353 6.30 32.74 -32.89
C LYS A 353 6.46 31.22 -33.05
N ASP A 354 7.60 30.67 -32.63
CA ASP A 354 7.79 29.25 -32.65
C ASP A 354 6.76 28.55 -31.66
N HIS A 355 6.43 29.19 -30.51
CA HIS A 355 5.38 28.74 -29.57
C HIS A 355 4.00 28.81 -30.09
N ILE A 356 3.61 29.91 -30.76
CA ILE A 356 2.31 29.96 -31.43
C ILE A 356 2.12 28.75 -32.42
N ALA A 357 3.16 28.42 -33.21
CA ALA A 357 3.10 27.39 -34.20
C ALA A 357 2.89 26.00 -33.44
N LYS A 358 3.79 25.76 -32.44
CA LYS A 358 3.68 24.60 -31.53
C LYS A 358 2.27 24.52 -30.97
N LEU A 359 1.78 25.61 -30.37
CA LEU A 359 0.42 25.56 -29.84
C LEU A 359 -0.67 25.29 -30.89
N ARG A 360 -0.56 26.04 -32.00
CA ARG A 360 -1.64 25.96 -32.97
C ARG A 360 -1.63 24.56 -33.57
N ALA A 361 -0.42 23.97 -33.75
CA ALA A 361 -0.28 22.51 -34.16
C ALA A 361 -1.09 21.50 -33.35
N CYS A 362 -1.40 21.74 -32.03
CA CYS A 362 -2.10 20.70 -31.27
C CYS A 362 -3.55 21.07 -31.13
N PHE A 363 -3.95 22.18 -31.71
CA PHE A 363 -5.31 22.52 -31.65
C PHE A 363 -6.14 21.80 -32.71
N ALA A 364 -7.22 21.19 -32.22
CA ALA A 364 -8.18 20.45 -33.05
C ALA A 364 -9.25 21.48 -33.38
N GLY A 365 -10.10 21.15 -34.37
CA GLY A 365 -11.27 21.95 -34.59
C GLY A 365 -12.10 22.20 -33.38
N LEU A 366 -12.34 23.51 -33.12
CA LEU A 366 -13.09 23.99 -31.93
C LEU A 366 -14.06 25.14 -32.34
N TRP A 367 -15.34 25.10 -31.95
CA TRP A 367 -16.35 26.04 -32.52
C TRP A 367 -17.38 26.42 -31.49
N SER A 368 -17.75 27.70 -31.50
CA SER A 368 -18.91 28.12 -30.71
C SER A 368 -20.17 27.64 -31.43
N LEU A 369 -21.24 27.33 -30.68
CA LEU A 369 -22.54 26.94 -31.28
C LEU A 369 -23.25 28.11 -32.03
N GLU A 370 -22.65 29.30 -32.05
CA GLU A 370 -23.10 30.45 -32.88
C GLU A 370 -22.58 30.30 -34.28
N ASP A 371 -21.64 29.39 -34.54
CA ASP A 371 -21.19 29.06 -35.92
C ASP A 371 -22.17 27.98 -36.57
N SER A 372 -23.27 28.45 -37.28
CA SER A 372 -24.11 27.44 -37.92
C SER A 372 -23.88 27.20 -39.42
N ASP A 373 -22.58 27.03 -39.73
CA ASP A 373 -22.09 26.16 -40.78
C ASP A 373 -21.81 24.86 -40.03
N ILE A 374 -21.01 25.02 -38.96
CA ILE A 374 -20.67 23.93 -38.11
C ILE A 374 -21.88 23.33 -37.35
N VAL A 375 -22.88 24.11 -36.92
CA VAL A 375 -24.10 23.43 -36.34
C VAL A 375 -24.87 22.51 -37.36
N LYS A 376 -25.13 23.01 -38.60
CA LYS A 376 -25.59 22.13 -39.72
C LYS A 376 -24.66 20.89 -39.94
N LYS A 377 -23.36 21.10 -40.19
CA LYS A 377 -22.35 20.02 -40.36
C LYS A 377 -22.35 19.00 -39.24
N ALA A 378 -22.54 19.46 -38.02
CA ALA A 378 -22.65 18.58 -36.83
C ALA A 378 -23.93 17.79 -36.77
N ILE A 379 -25.05 18.42 -37.21
CA ILE A 379 -26.38 17.76 -37.20
C ILE A 379 -26.46 16.65 -38.28
N GLU A 380 -25.80 16.87 -39.46
CA GLU A 380 -25.76 15.85 -40.54
C GLU A 380 -24.87 14.68 -40.07
N ASN A 381 -23.72 15.03 -39.45
CA ASN A 381 -22.62 14.09 -39.09
C ASN A 381 -22.18 14.11 -37.60
N PRO A 382 -23.11 13.79 -36.66
CA PRO A 382 -22.95 13.89 -35.19
C PRO A 382 -21.82 13.00 -34.59
N GLU A 383 -21.58 11.86 -35.25
CA GLU A 383 -20.43 10.96 -34.98
C GLU A 383 -18.99 11.61 -35.24
N LEU A 384 -18.95 12.77 -35.88
CA LEU A 384 -17.74 13.47 -36.21
C LEU A 384 -17.34 14.57 -35.13
N PHE A 385 -18.15 14.64 -34.09
CA PHE A 385 -18.19 15.81 -33.18
C PHE A 385 -18.33 15.45 -31.68
N VAL A 386 -17.73 16.25 -30.82
CA VAL A 386 -18.08 16.16 -29.41
C VAL A 386 -18.66 17.54 -28.94
N MET A 387 -19.70 17.47 -28.14
CA MET A 387 -20.26 18.57 -27.52
C MET A 387 -19.96 18.56 -26.01
N LYS A 388 -19.44 19.69 -25.51
CA LYS A 388 -18.96 19.75 -24.11
C LYS A 388 -19.51 20.97 -23.42
N PRO A 389 -20.15 20.70 -22.30
CA PRO A 389 -20.60 21.75 -21.39
C PRO A 389 -19.38 22.27 -20.57
N GLN A 390 -19.64 23.26 -19.71
CA GLN A 390 -18.54 23.94 -18.94
C GLN A 390 -18.35 23.21 -17.56
N ARG A 391 -17.78 22.01 -17.63
CA ARG A 391 -17.66 21.10 -16.53
C ARG A 391 -16.32 20.46 -16.70
N GLU A 392 -15.99 19.74 -15.66
CA GLU A 392 -14.68 19.16 -15.43
C GLU A 392 -15.02 17.92 -14.68
N GLY A 393 -14.59 16.85 -15.24
CA GLY A 393 -14.16 15.81 -14.25
C GLY A 393 -15.00 14.61 -14.46
N GLY A 394 -15.98 14.75 -15.36
CA GLY A 394 -16.46 13.47 -15.89
C GLY A 394 -17.92 13.32 -16.12
N GLY A 395 -18.12 12.74 -17.30
CA GLY A 395 -19.30 12.05 -17.67
C GLY A 395 -20.33 13.07 -17.97
N ASN A 396 -19.94 14.05 -18.78
CA ASN A 396 -20.60 15.38 -18.94
C ASN A 396 -20.97 15.56 -20.45
N ASN A 397 -19.98 15.28 -21.36
CA ASN A 397 -20.02 15.46 -22.81
C ASN A 397 -21.17 14.76 -23.50
N ILE A 398 -21.27 14.99 -24.82
CA ILE A 398 -22.38 14.48 -25.65
C ILE A 398 -21.91 14.14 -27.05
N TYR A 399 -22.23 12.92 -27.53
CA TYR A 399 -21.80 12.43 -28.88
C TYR A 399 -22.92 11.82 -29.72
N GLY A 400 -22.61 11.59 -31.00
CA GLY A 400 -23.51 10.93 -31.97
C GLY A 400 -25.00 11.29 -31.82
N ASP A 401 -25.86 10.27 -31.54
CA ASP A 401 -27.35 10.48 -31.46
C ASP A 401 -27.79 11.61 -30.48
N GLU A 402 -27.32 11.54 -29.22
CA GLU A 402 -27.64 12.52 -28.19
C GLU A 402 -27.18 13.91 -28.55
N LEU A 403 -26.11 14.04 -29.35
CA LEU A 403 -25.56 15.34 -29.79
C LEU A 403 -26.48 15.93 -30.86
N ARG A 404 -26.94 15.14 -31.84
CA ARG A 404 -27.86 15.70 -32.89
C ARG A 404 -29.24 16.13 -32.29
N GLU A 405 -29.73 15.34 -31.36
CA GLU A 405 -30.96 15.60 -30.62
C GLU A 405 -30.90 16.88 -29.73
N THR A 406 -29.76 17.11 -29.08
CA THR A 406 -29.58 18.24 -28.14
C THR A 406 -29.39 19.48 -29.04
N LEU A 407 -28.65 19.31 -30.14
CA LEU A 407 -28.36 20.41 -31.07
C LEU A 407 -29.56 20.90 -31.85
N LEU A 408 -30.46 19.96 -32.18
CA LEU A 408 -31.72 20.26 -32.89
C LEU A 408 -32.73 20.92 -31.97
N LYS A 409 -32.86 20.44 -30.72
CA LYS A 409 -33.70 21.12 -29.65
C LYS A 409 -33.22 22.56 -29.27
N LEU A 410 -31.94 22.85 -29.51
CA LEU A 410 -31.46 24.24 -29.38
C LEU A 410 -31.72 25.05 -30.67
N GLN A 411 -33.01 25.40 -30.90
CA GLN A 411 -33.50 26.47 -31.84
C GLN A 411 -34.74 27.26 -31.27
N GLU A 417 -27.71 30.24 -24.55
CA GLU A 417 -28.27 28.96 -23.96
C GLU A 417 -27.71 27.65 -24.58
N ASP A 418 -27.54 27.72 -25.88
CA ASP A 418 -26.42 27.07 -26.53
C ASP A 418 -25.06 27.53 -25.92
N ALA A 419 -25.06 28.66 -25.17
CA ALA A 419 -23.80 29.29 -24.57
C ALA A 419 -23.09 28.32 -23.56
N ALA A 420 -23.88 27.37 -23.04
CA ALA A 420 -23.43 26.26 -22.23
C ALA A 420 -22.42 25.34 -23.01
N TYR A 421 -22.56 25.12 -24.33
CA TYR A 421 -21.72 24.20 -25.05
C TYR A 421 -20.73 24.82 -25.98
N ILE A 422 -19.62 24.10 -26.17
CA ILE A 422 -18.86 24.21 -27.38
C ILE A 422 -19.00 22.91 -28.15
N LEU A 423 -18.55 23.00 -29.38
CA LEU A 423 -18.36 21.89 -30.29
C LEU A 423 -16.92 21.73 -30.67
N MET A 424 -16.53 20.43 -30.76
CA MET A 424 -15.16 20.09 -31.08
C MET A 424 -15.04 18.95 -32.13
N GLN A 425 -14.04 19.01 -33.02
CA GLN A 425 -13.69 17.86 -33.79
C GLN A 425 -13.47 16.54 -32.96
N ARG A 426 -14.29 15.45 -33.24
CA ARG A 426 -14.01 14.07 -32.75
C ARG A 426 -12.68 13.57 -33.28
N ILE A 427 -11.78 13.15 -32.37
CA ILE A 427 -10.45 12.67 -32.74
C ILE A 427 -10.56 11.12 -32.66
N PHE A 428 -9.89 10.48 -33.60
CA PHE A 428 -9.87 8.96 -33.69
C PHE A 428 -8.53 8.39 -33.71
N PRO A 429 -7.99 8.08 -32.44
CA PRO A 429 -6.63 7.51 -32.48
C PRO A 429 -6.67 6.07 -33.15
N ALA A 430 -5.52 5.60 -33.56
CA ALA A 430 -5.25 4.16 -33.79
C ALA A 430 -5.44 3.40 -32.48
N THR A 431 -6.22 2.34 -32.57
CA THR A 431 -6.59 1.44 -31.46
C THR A 431 -5.34 0.57 -31.15
N SER A 432 -5.26 -0.08 -29.97
CA SER A 432 -4.19 -1.08 -29.67
C SER A 432 -4.90 -2.17 -28.80
N PRO A 433 -4.40 -3.42 -28.90
CA PRO A 433 -4.94 -4.50 -28.03
C PRO A 433 -4.43 -4.17 -26.51
N ALA A 434 -5.30 -4.28 -25.58
CA ALA A 434 -5.10 -4.07 -24.14
C ALA A 434 -5.59 -5.28 -23.44
N ILE A 435 -4.90 -5.60 -22.34
CA ILE A 435 -5.57 -6.36 -21.25
C ILE A 435 -6.14 -5.46 -20.15
N LEU A 436 -7.44 -5.40 -19.95
CA LEU A 436 -8.06 -4.52 -18.93
C LEU A 436 -8.31 -5.23 -17.63
N VAL A 437 -7.72 -4.67 -16.55
CA VAL A 437 -7.76 -5.40 -15.21
C VAL A 437 -8.61 -4.57 -14.29
N ARG A 438 -9.69 -5.16 -13.76
N ARG A 438 -9.70 -5.17 -13.83
CA ARG A 438 -10.71 -4.43 -13.06
CA ARG A 438 -10.68 -4.56 -12.97
C ARG A 438 -11.31 -5.32 -11.98
C ARG A 438 -11.05 -5.51 -11.89
N ASP A 439 -11.09 -4.95 -10.70
CA ASP A 439 -11.46 -5.76 -9.52
C ASP A 439 -10.90 -7.23 -9.54
N GLY A 440 -9.66 -7.41 -9.98
CA GLY A 440 -8.98 -8.66 -9.84
C GLY A 440 -9.25 -9.59 -11.09
N ASN A 441 -10.08 -9.14 -11.98
CA ASN A 441 -10.39 -9.89 -13.25
C ASN A 441 -9.83 -9.16 -14.46
N TRP A 442 -9.46 -9.86 -15.53
CA TRP A 442 -8.90 -9.24 -16.74
C TRP A 442 -9.81 -9.65 -17.95
N ASP A 443 -9.89 -8.76 -18.91
CA ASP A 443 -10.54 -9.02 -20.19
C ASP A 443 -9.71 -8.46 -21.34
N THR A 444 -9.92 -8.92 -22.62
CA THR A 444 -9.25 -8.31 -23.77
C THR A 444 -10.19 -7.15 -24.21
N GLY A 445 -9.58 -6.16 -24.82
CA GLY A 445 -10.33 -5.08 -25.51
C GLY A 445 -9.42 -4.36 -26.40
N HIS A 446 -9.94 -3.43 -27.22
CA HIS A 446 -9.21 -2.70 -28.16
C HIS A 446 -9.54 -1.30 -27.80
N VAL A 447 -8.43 -0.62 -27.62
CA VAL A 447 -8.54 0.65 -26.82
C VAL A 447 -8.00 1.82 -27.57
N ILE A 448 -8.37 2.99 -27.03
CA ILE A 448 -7.55 4.16 -27.27
C ILE A 448 -6.98 4.84 -25.94
N SER A 449 -5.87 5.54 -26.09
N SER A 449 -5.92 5.64 -26.16
CA SER A 449 -5.21 6.21 -24.90
CA SER A 449 -5.08 6.26 -25.04
C SER A 449 -5.31 7.71 -25.10
C SER A 449 -4.95 7.75 -25.16
N GLU A 450 -5.13 8.42 -23.97
CA GLU A 450 -5.12 9.87 -23.86
C GLU A 450 -3.99 10.21 -22.87
N ALA A 451 -2.96 10.89 -23.35
CA ALA A 451 -1.69 11.14 -22.60
C ALA A 451 -1.94 12.47 -21.78
N GLY A 452 -1.88 12.47 -20.47
CA GLY A 452 -2.05 13.77 -19.70
C GLY A 452 -0.63 14.20 -19.27
N ILE A 453 -0.19 15.38 -19.72
CA ILE A 453 1.24 15.83 -19.51
C ILE A 453 1.01 16.96 -18.39
N PHE A 454 1.54 16.68 -17.19
CA PHE A 454 1.42 17.69 -16.08
C PHE A 454 2.44 18.80 -16.34
N GLY A 455 2.03 20.02 -15.99
CA GLY A 455 3.00 21.11 -15.83
C GLY A 455 2.80 21.71 -14.41
N THR A 456 3.95 22.21 -13.97
CA THR A 456 4.06 22.93 -12.67
C THR A 456 4.69 24.26 -13.03
N TYR A 457 4.15 25.25 -12.36
CA TYR A 457 4.48 26.66 -12.62
C TYR A 457 4.45 27.49 -11.34
N LEU A 458 5.44 28.37 -11.20
CA LEU A 458 5.52 29.25 -9.91
C LEU A 458 6.32 30.44 -10.33
N ARG A 459 5.67 31.56 -10.17
CA ARG A 459 6.46 32.83 -10.35
C ARG A 459 6.28 33.78 -9.11
N ASN A 460 7.23 34.72 -8.94
CA ASN A 460 7.16 35.77 -7.92
C ASN A 460 7.54 37.11 -8.71
N LYS A 461 6.54 37.97 -8.93
CA LYS A 461 6.76 39.16 -9.74
C LYS A 461 7.27 38.64 -11.09
N ASP A 462 8.33 39.24 -11.56
CA ASP A 462 8.87 38.91 -12.90
C ASP A 462 9.89 37.77 -12.91
N LYS A 463 9.97 37.05 -11.79
CA LYS A 463 10.92 35.93 -11.66
C LYS A 463 10.15 34.58 -11.72
N ILE A 464 10.50 33.88 -12.70
CA ILE A 464 9.89 32.57 -12.94
C ILE A 464 10.64 31.56 -12.13
N ILE A 465 9.96 30.97 -11.12
CA ILE A 465 10.76 30.03 -10.27
C ILE A 465 10.71 28.54 -10.82
N ILE A 466 9.55 28.18 -11.35
CA ILE A 466 9.25 26.79 -11.82
C ILE A 466 8.45 27.05 -13.04
N ASN A 467 8.88 26.49 -14.17
CA ASN A 467 7.99 26.46 -15.29
C ASN A 467 8.34 25.13 -16.06
N ASN A 468 7.70 24.00 -15.66
CA ASN A 468 8.27 22.66 -15.94
C ASN A 468 7.25 21.71 -16.58
N GLU A 469 7.73 20.83 -17.45
CA GLU A 469 6.99 19.56 -17.75
C GLU A 469 7.30 18.70 -16.45
N SER A 470 6.29 18.14 -15.84
CA SER A 470 6.39 17.42 -14.54
C SER A 470 5.70 16.06 -14.56
N GLY A 471 6.01 15.25 -15.59
CA GLY A 471 5.53 13.81 -15.50
C GLY A 471 4.24 13.73 -16.19
N TYR A 472 3.64 12.59 -15.98
CA TYR A 472 2.40 12.31 -16.76
C TYR A 472 1.46 11.33 -16.14
N MET A 473 0.32 11.22 -16.82
CA MET A 473 -0.58 10.13 -16.56
C MET A 473 -1.12 9.72 -18.03
N VAL A 474 -1.63 8.49 -18.10
CA VAL A 474 -2.39 7.99 -19.25
C VAL A 474 -3.67 7.32 -18.88
N ARG A 475 -4.73 7.78 -19.57
CA ARG A 475 -6.08 7.19 -19.43
C ARG A 475 -6.39 6.48 -20.81
N THR A 476 -6.87 5.29 -20.63
CA THR A 476 -7.10 4.31 -21.73
C THR A 476 -8.56 3.86 -21.58
N LYS A 477 -9.23 3.64 -22.78
CA LYS A 477 -10.61 3.22 -22.69
C LYS A 477 -10.89 2.35 -23.98
N ILE A 478 -11.91 1.56 -23.82
CA ILE A 478 -12.45 0.76 -25.06
C ILE A 478 -12.70 1.80 -26.21
N SER A 479 -12.22 1.53 -27.46
CA SER A 479 -12.07 2.53 -28.53
C SER A 479 -13.34 3.31 -28.83
N SER A 480 -14.45 2.61 -28.66
CA SER A 480 -15.78 3.08 -28.95
C SER A 480 -16.59 3.68 -27.78
N SER A 481 -16.14 3.52 -26.52
N SER A 481 -16.06 3.61 -26.54
CA SER A 481 -16.80 4.11 -25.33
CA SER A 481 -16.71 4.24 -25.39
C SER A 481 -16.77 5.67 -25.39
C SER A 481 -16.78 5.78 -25.53
N TYR A 482 -17.89 6.31 -25.10
CA TYR A 482 -17.98 7.80 -25.12
C TYR A 482 -17.16 8.27 -23.82
N GLU A 483 -17.57 7.70 -22.68
CA GLU A 483 -16.99 8.08 -21.38
C GLU A 483 -15.67 7.33 -21.20
N GLY A 484 -14.62 7.96 -20.59
CA GLY A 484 -13.48 7.07 -20.15
C GLY A 484 -12.99 7.39 -18.74
N GLY A 485 -13.85 7.97 -17.87
CA GLY A 485 -13.58 8.18 -16.43
C GLY A 485 -13.16 6.90 -15.74
N VAL A 486 -12.00 6.96 -15.02
CA VAL A 486 -11.45 5.73 -14.44
C VAL A 486 -12.25 5.35 -13.20
N LEU A 487 -12.47 6.30 -12.34
CA LEU A 487 -13.19 6.09 -11.09
C LEU A 487 -14.71 5.76 -11.29
N PRO A 488 -15.41 6.48 -12.18
CA PRO A 488 -16.81 6.23 -12.79
C PRO A 488 -16.62 4.93 -13.58
N GLY A 489 -17.42 3.93 -13.68
CA GLY A 489 -16.39 2.81 -14.19
C GLY A 489 -16.01 2.62 -15.70
N PHE A 490 -15.42 3.57 -16.37
CA PHE A 490 -15.39 3.57 -17.81
C PHE A 490 -14.03 3.42 -18.43
N GLY A 491 -12.94 3.67 -17.70
CA GLY A 491 -11.62 3.83 -18.31
C GLY A 491 -10.61 3.17 -17.34
N VAL A 492 -9.38 2.97 -17.74
CA VAL A 492 -8.32 2.35 -16.96
C VAL A 492 -7.14 3.28 -17.02
N VAL A 493 -6.21 3.25 -15.97
CA VAL A 493 -4.97 3.94 -16.15
C VAL A 493 -3.93 3.07 -16.84
N ASP A 494 -3.00 3.70 -17.46
CA ASP A 494 -1.99 3.09 -18.38
C ASP A 494 -0.67 3.88 -18.32
N THR A 495 0.28 3.47 -19.20
CA THR A 495 1.44 4.33 -19.49
C THR A 495 1.48 4.39 -21.10
N VAL A 496 2.68 4.53 -21.67
CA VAL A 496 2.86 4.46 -23.08
C VAL A 496 4.20 3.77 -23.19
N TYR A 497 4.39 3.15 -24.38
CA TYR A 497 5.60 2.46 -24.71
C TYR A 497 6.15 3.26 -25.84
N LEU A 498 7.34 3.88 -25.71
CA LEU A 498 7.74 4.78 -26.82
C LEU A 498 8.28 4.03 -28.14
N THR A 499 7.69 4.41 -29.26
CA THR A 499 8.01 3.69 -30.47
C THR A 499 8.23 4.79 -31.48
N ALA B 25 8.69 6.64 36.32
CA ALA B 25 7.67 5.53 36.58
C ALA B 25 6.18 5.98 36.40
N PRO B 26 5.95 7.30 36.05
CA PRO B 26 4.59 8.01 36.07
C PRO B 26 3.76 7.43 34.91
N PRO B 27 2.52 6.85 35.15
CA PRO B 27 2.35 5.88 34.04
C PRO B 27 2.25 6.66 32.65
N LEU B 28 1.91 5.98 31.57
CA LEU B 28 1.86 6.65 30.29
C LEU B 28 0.48 7.30 30.33
N PHE B 29 0.32 8.35 29.51
CA PHE B 29 -1.00 8.95 29.25
C PHE B 29 -2.04 7.87 29.08
N ASP B 30 -3.15 7.96 29.85
CA ASP B 30 -4.18 6.94 29.77
C ASP B 30 -4.95 7.14 28.45
N TYR B 31 -4.80 6.20 27.50
CA TYR B 31 -5.38 6.30 26.16
C TYR B 31 -6.89 6.24 26.01
N HIS B 32 -7.56 5.89 27.11
CA HIS B 32 -9.01 6.13 27.23
C HIS B 32 -9.39 7.61 27.62
N ARG B 33 -8.48 8.52 27.91
CA ARG B 33 -8.89 9.83 28.37
C ARG B 33 -8.53 10.91 27.35
N ILE B 34 -8.16 10.49 26.13
CA ILE B 34 -7.89 11.51 25.08
C ILE B 34 -9.21 12.21 24.61
N ASP B 35 -9.14 13.51 24.43
CA ASP B 35 -10.29 14.29 23.83
C ASP B 35 -10.81 13.51 22.64
N GLN B 36 -12.13 13.43 22.50
CA GLN B 36 -12.70 12.69 21.37
C GLN B 36 -12.25 13.23 20.01
N LYS B 37 -12.08 14.54 19.81
CA LYS B 37 -11.71 14.98 18.49
C LYS B 37 -10.21 14.80 18.19
N LEU B 38 -9.34 15.08 19.14
CA LEU B 38 -7.98 14.59 19.06
C LEU B 38 -7.92 13.05 18.67
N LEU B 39 -8.63 12.24 19.40
CA LEU B 39 -8.58 10.80 19.11
C LEU B 39 -9.06 10.42 17.68
N GLN B 40 -10.10 11.10 17.19
CA GLN B 40 -10.62 10.82 15.90
C GLN B 40 -9.51 11.18 14.82
N ASN B 41 -8.78 12.25 15.04
CA ASN B 41 -7.61 12.61 14.21
C ASN B 41 -6.51 11.54 14.18
N ILE B 42 -6.16 10.98 15.34
CA ILE B 42 -5.11 9.93 15.45
C ILE B 42 -5.56 8.72 14.68
N VAL B 43 -6.79 8.31 14.91
CA VAL B 43 -7.35 7.12 14.25
C VAL B 43 -7.35 7.37 12.74
N TYR B 44 -7.83 8.52 12.26
CA TYR B 44 -7.92 8.72 10.83
C TYR B 44 -6.47 8.65 10.18
N ASP B 45 -5.51 9.31 10.84
CA ASP B 45 -4.13 9.35 10.45
C ASP B 45 -3.55 7.96 10.42
N ALA B 46 -3.79 7.09 11.44
CA ALA B 46 -3.38 5.65 11.42
C ALA B 46 -3.90 4.89 10.21
N LEU B 47 -5.20 5.11 9.88
CA LEU B 47 -5.89 4.38 8.76
C LEU B 47 -5.22 4.79 7.42
N VAL B 48 -4.93 6.07 7.33
CA VAL B 48 -4.31 6.61 6.12
C VAL B 48 -2.91 6.04 6.01
N TRP B 49 -2.07 6.18 7.08
CA TRP B 49 -0.71 5.57 7.09
C TRP B 49 -0.72 4.07 6.69
N SER B 50 -1.66 3.28 7.28
CA SER B 50 -1.77 1.88 7.10
C SER B 50 -1.90 1.57 5.53
N THR B 51 -2.72 2.40 4.90
CA THR B 51 -3.11 2.20 3.48
C THR B 51 -1.88 2.56 2.62
N LEU B 52 -1.26 3.70 2.87
CA LEU B 52 -0.12 4.18 2.08
C LEU B 52 1.03 3.21 2.17
N ASN B 53 1.17 2.46 3.25
CA ASN B 53 2.43 1.72 3.54
C ASN B 53 2.15 0.30 3.56
N CYS B 54 1.01 -0.08 2.99
CA CYS B 54 0.55 -1.54 2.84
C CYS B 54 0.57 -2.32 4.20
N LEU B 55 0.10 -1.69 5.33
CA LEU B 55 -0.31 -2.40 6.44
C LEU B 55 -1.67 -3.03 6.26
N LEU B 56 -1.79 -3.93 5.28
CA LEU B 56 -3.01 -4.44 4.76
C LEU B 56 -3.04 -5.93 4.65
N VAL B 57 -4.23 -6.57 4.80
CA VAL B 57 -4.37 -7.98 4.50
C VAL B 57 -5.64 -8.14 3.71
N GLY B 58 -5.90 -9.37 3.17
CA GLY B 58 -7.15 -9.71 2.58
C GLY B 58 -8.24 -9.59 3.67
N ASP B 59 -9.39 -8.95 3.41
CA ASP B 59 -10.55 -8.96 4.44
C ASP B 59 -11.29 -10.36 4.39
N LYS B 60 -11.38 -11.02 5.54
CA LYS B 60 -11.99 -12.33 5.78
C LYS B 60 -13.44 -12.38 5.23
N SER B 61 -14.10 -11.23 5.17
CA SER B 61 -15.45 -11.13 4.61
C SER B 61 -15.57 -11.06 3.07
N VAL B 62 -14.46 -11.03 2.35
CA VAL B 62 -14.47 -10.83 0.88
C VAL B 62 -13.92 -12.17 0.40
N GLN B 63 -14.77 -12.90 -0.36
CA GLN B 63 -14.43 -14.39 -0.52
C GLN B 63 -12.98 -14.72 -1.12
N ARG B 64 -12.61 -14.00 -2.18
N ARG B 64 -12.63 -13.94 -2.14
CA ARG B 64 -11.37 -14.25 -2.95
CA ARG B 64 -11.46 -14.08 -3.04
C ARG B 64 -10.10 -13.52 -2.40
C ARG B 64 -10.14 -13.49 -2.43
N SER B 65 -10.23 -12.87 -1.24
CA SER B 65 -9.16 -11.93 -0.77
C SER B 65 -7.91 -12.72 -0.29
N GLY B 66 -8.05 -14.03 -0.11
CA GLY B 66 -6.93 -14.81 0.34
C GLY B 66 -6.31 -15.54 -0.91
N ARG B 67 -6.86 -15.31 -2.10
N ARG B 67 -6.75 -15.22 -2.11
CA ARG B 67 -6.35 -15.87 -3.44
CA ARG B 67 -6.11 -15.80 -3.34
C ARG B 67 -5.87 -14.84 -4.46
C ARG B 67 -5.87 -14.85 -4.54
N VAL B 68 -6.72 -13.84 -4.69
CA VAL B 68 -6.58 -12.87 -5.76
C VAL B 68 -6.00 -11.61 -5.06
N PRO B 69 -4.73 -11.19 -5.37
CA PRO B 69 -4.10 -9.99 -4.76
C PRO B 69 -4.99 -8.75 -5.26
N GLY B 70 -5.12 -7.64 -4.46
CA GLY B 70 -5.55 -6.40 -5.04
C GLY B 70 -6.93 -6.11 -4.75
N VAL B 71 -7.56 -7.08 -4.13
CA VAL B 71 -8.98 -7.01 -3.99
C VAL B 71 -9.42 -7.34 -2.53
N GLY B 72 -10.47 -6.64 -2.10
CA GLY B 72 -11.01 -6.82 -0.78
C GLY B 72 -9.93 -6.60 0.32
N LEU B 73 -9.21 -5.48 0.19
CA LEU B 73 -8.21 -5.15 1.15
C LEU B 73 -8.79 -4.29 2.38
N VAL B 74 -8.14 -4.56 3.48
CA VAL B 74 -8.41 -3.94 4.84
C VAL B 74 -7.16 -3.80 5.71
N HIS B 75 -7.06 -2.70 6.50
CA HIS B 75 -5.85 -2.52 7.34
C HIS B 75 -5.89 -3.70 8.40
N LEU B 76 -4.73 -3.99 8.86
CA LEU B 76 -4.42 -5.00 9.88
C LEU B 76 -5.23 -4.54 11.17
N PRO B 77 -5.90 -5.47 11.85
CA PRO B 77 -6.37 -5.02 13.24
C PRO B 77 -5.14 -4.53 14.07
N LEU B 78 -5.21 -3.30 14.61
CA LEU B 78 -4.13 -2.70 15.26
C LEU B 78 -4.57 -2.03 16.59
N SER B 79 -3.58 -1.86 17.43
CA SER B 79 -3.54 -1.01 18.59
C SER B 79 -3.01 0.35 18.23
N LEU B 80 -3.88 1.35 18.45
CA LEU B 80 -3.55 2.72 18.03
C LEU B 80 -2.21 3.30 18.47
N LEU B 81 -1.82 3.01 19.76
CA LEU B 81 -0.70 3.64 20.48
C LEU B 81 -0.08 2.53 21.35
N PRO B 82 1.26 2.53 21.52
CA PRO B 82 1.99 1.43 22.21
C PRO B 82 1.69 1.43 23.77
N GLY B 83 1.66 0.28 24.35
CA GLY B 83 1.78 0.15 25.82
C GLY B 83 3.15 0.09 26.29
N PRO B 84 3.34 0.28 27.67
CA PRO B 84 4.61 0.39 28.22
C PRO B 84 5.32 -1.05 28.27
N PHE B 85 6.65 -1.12 28.13
CA PHE B 85 7.36 -2.33 28.36
C PHE B 85 8.72 -1.88 28.86
N PRO B 86 9.22 -2.42 30.03
CA PRO B 86 10.49 -1.79 30.52
C PRO B 86 11.72 -2.10 29.70
N GLU B 87 12.65 -1.16 29.62
CA GLU B 87 13.80 -1.25 28.66
C GLU B 87 14.66 -2.43 29.13
N SER B 88 14.61 -2.68 30.47
CA SER B 88 15.40 -3.73 31.09
C SER B 88 14.94 -5.06 30.56
N HIS B 89 13.63 -5.27 30.51
CA HIS B 89 13.10 -6.47 29.95
C HIS B 89 13.23 -6.55 28.41
N TRP B 90 12.97 -5.46 27.72
CA TRP B 90 13.32 -5.45 26.28
C TRP B 90 14.79 -5.95 25.98
N LYS B 91 15.79 -5.40 26.69
CA LYS B 91 17.21 -5.83 26.64
C LYS B 91 17.37 -7.34 26.94
N GLN B 92 16.60 -7.88 27.89
N GLN B 92 16.60 -7.87 27.89
CA GLN B 92 16.67 -9.33 28.22
CA GLN B 92 16.70 -9.30 28.21
C GLN B 92 16.23 -10.17 27.01
C GLN B 92 16.26 -10.13 26.98
N GLY B 93 15.16 -9.74 26.37
CA GLY B 93 14.65 -10.40 25.13
C GLY B 93 15.66 -10.32 23.99
N CYS B 94 16.32 -9.18 23.86
N CYS B 94 16.34 -9.19 23.83
CA CYS B 94 17.22 -8.95 22.77
CA CYS B 94 17.21 -8.99 22.68
C CYS B 94 18.36 -9.90 22.97
C CYS B 94 18.52 -9.78 22.91
N GLU B 95 18.84 -9.91 24.18
CA GLU B 95 20.00 -10.73 24.51
C GLU B 95 19.75 -12.22 24.32
N LEU B 96 18.57 -12.70 24.64
CA LEU B 96 18.20 -14.04 24.49
C LEU B 96 18.08 -14.52 23.01
N ALA B 97 18.00 -13.55 22.09
CA ALA B 97 17.78 -13.96 20.65
C ALA B 97 18.93 -14.87 20.05
N PRO B 98 20.18 -14.42 20.12
CA PRO B 98 21.33 -15.27 19.59
C PRO B 98 21.53 -16.48 20.47
N ILE B 99 21.14 -16.37 21.76
CA ILE B 99 21.10 -17.55 22.62
C ILE B 99 20.11 -18.59 22.25
N PHE B 100 18.87 -18.21 22.00
CA PHE B 100 17.96 -19.18 21.52
C PHE B 100 18.34 -19.64 20.10
N ASN B 101 18.87 -18.75 19.24
CA ASN B 101 19.26 -19.30 17.90
C ASN B 101 20.19 -20.51 18.08
N GLU B 102 21.21 -20.27 18.89
CA GLU B 102 22.12 -21.33 19.14
C GLU B 102 21.59 -22.58 19.72
N LEU B 103 20.72 -22.42 20.72
CA LEU B 103 20.05 -23.55 21.37
C LEU B 103 19.27 -24.34 20.40
N VAL B 104 18.47 -23.63 19.56
CA VAL B 104 17.64 -24.37 18.58
C VAL B 104 18.52 -25.21 17.65
N ASP B 105 19.58 -24.60 17.17
CA ASP B 105 20.48 -25.32 16.28
C ASP B 105 21.17 -26.58 17.02
N ARG B 106 21.57 -26.43 18.26
CA ARG B 106 22.18 -27.51 19.02
C ARG B 106 21.21 -28.59 19.30
N VAL B 107 19.94 -28.28 19.64
CA VAL B 107 18.97 -29.35 19.88
C VAL B 107 18.54 -30.08 18.58
N SER B 108 18.48 -29.33 17.50
CA SER B 108 18.10 -29.91 16.23
C SER B 108 19.08 -31.07 15.81
N LEU B 109 20.34 -30.92 16.17
CA LEU B 109 21.44 -32.00 15.90
C LEU B 109 21.34 -33.26 16.77
N ASP B 110 20.47 -33.26 17.80
CA ASP B 110 20.23 -34.45 18.61
C ASP B 110 19.03 -35.17 18.20
N GLY B 111 19.16 -35.89 17.12
CA GLY B 111 17.99 -36.58 16.60
C GLY B 111 17.40 -37.57 17.52
N LYS B 112 18.27 -38.16 18.38
CA LYS B 112 17.79 -39.09 19.40
C LYS B 112 16.94 -38.37 20.43
N PHE B 113 17.48 -37.27 20.94
CA PHE B 113 16.67 -36.39 21.87
C PHE B 113 15.26 -36.13 21.32
N LEU B 114 15.10 -35.88 19.98
CA LEU B 114 13.85 -35.45 19.43
C LEU B 114 12.89 -36.61 19.33
N GLN B 115 13.41 -37.71 18.81
CA GLN B 115 12.61 -38.85 18.57
C GLN B 115 12.08 -39.44 19.91
N GLU B 116 12.98 -39.46 20.91
N GLU B 116 12.97 -39.41 20.91
CA GLU B 116 12.68 -40.00 22.28
CA GLU B 116 12.75 -40.03 22.25
C GLU B 116 11.69 -39.08 22.94
C GLU B 116 11.89 -39.11 23.15
N SER B 117 12.05 -37.79 23.06
CA SER B 117 11.03 -36.81 23.70
C SER B 117 9.64 -36.92 23.05
N LEU B 118 9.61 -37.21 21.77
CA LEU B 118 8.31 -37.21 21.07
C LEU B 118 7.71 -38.55 20.91
N SER B 119 8.35 -39.55 21.55
CA SER B 119 7.97 -40.96 21.38
C SER B 119 6.49 -41.26 21.79
N ARG B 120 6.04 -40.72 22.90
CA ARG B 120 4.58 -40.97 23.25
C ARG B 120 3.67 -40.01 22.45
N THR B 121 4.14 -38.75 22.29
CA THR B 121 3.49 -37.78 21.33
C THR B 121 3.06 -38.44 19.97
N LYS B 122 4.06 -39.08 19.33
CA LYS B 122 3.90 -39.92 18.14
C LYS B 122 2.58 -40.74 18.08
N ASN B 123 2.29 -41.41 19.21
CA ASN B 123 1.03 -42.20 19.30
C ASN B 123 -0.28 -41.45 19.63
N ALA B 124 -0.20 -40.31 20.32
CA ALA B 124 -1.41 -39.50 20.54
C ALA B 124 -1.77 -38.56 19.28
N ASP B 125 -0.70 -38.16 18.53
CA ASP B 125 -0.79 -37.08 17.52
C ASP B 125 -0.29 -37.48 16.13
N GLU B 126 -1.22 -37.77 15.27
CA GLU B 126 -0.85 -38.25 13.98
C GLU B 126 -0.04 -37.23 13.08
N PHE B 127 -0.35 -35.89 13.19
CA PHE B 127 0.50 -34.86 12.57
C PHE B 127 1.94 -34.91 13.03
N THR B 128 2.22 -34.99 14.33
CA THR B 128 3.57 -35.03 14.88
C THR B 128 4.28 -36.33 14.48
N SER B 129 3.50 -37.39 14.28
CA SER B 129 4.00 -38.74 13.86
C SER B 129 4.53 -38.70 12.41
N ARG B 130 3.76 -38.08 11.52
CA ARG B 130 4.13 -37.70 10.20
C ARG B 130 5.41 -36.87 10.06
N LEU B 131 5.49 -35.77 10.85
CA LEU B 131 6.74 -34.98 11.02
C LEU B 131 7.86 -35.92 11.46
N LEU B 132 7.56 -36.74 12.49
CA LEU B 132 8.60 -37.67 12.96
C LEU B 132 9.13 -38.67 11.90
N ASP B 133 8.28 -39.23 11.08
CA ASP B 133 8.60 -40.16 10.00
C ASP B 133 9.48 -39.52 8.93
N ILE B 134 9.24 -38.22 8.63
CA ILE B 134 10.15 -37.57 7.71
C ILE B 134 11.53 -37.46 8.40
N HIS B 135 11.58 -37.03 9.66
CA HIS B 135 12.81 -36.89 10.36
C HIS B 135 13.60 -38.29 10.49
N SER B 136 12.89 -39.32 10.88
CA SER B 136 13.49 -40.70 10.99
C SER B 136 14.21 -41.00 9.60
N LYS B 137 13.49 -40.79 8.50
CA LYS B 137 14.08 -40.95 7.17
C LYS B 137 15.36 -40.20 6.93
N MET B 138 15.44 -38.98 7.43
CA MET B 138 16.60 -38.14 7.25
C MET B 138 17.78 -38.65 8.07
N LEU B 139 17.43 -39.17 9.23
CA LEU B 139 18.34 -39.84 10.11
C LEU B 139 18.96 -41.08 9.41
N GLN B 140 18.13 -41.83 8.72
CA GLN B 140 18.51 -43.14 8.15
C GLN B 140 19.23 -42.99 6.78
N ILE B 141 19.30 -41.74 6.27
CA ILE B 141 20.00 -41.41 5.10
C ILE B 141 21.24 -40.64 5.53
N ASN B 142 21.32 -40.09 6.74
CA ASN B 142 22.56 -39.32 7.24
C ASN B 142 23.43 -38.54 6.26
N LYS B 143 22.91 -37.50 5.58
CA LYS B 143 23.75 -36.70 4.58
C LYS B 143 24.76 -35.70 5.29
N LYS B 144 25.93 -35.39 4.73
CA LYS B 144 26.68 -34.25 5.34
C LYS B 144 25.98 -32.99 4.81
N GLU B 145 25.34 -32.31 5.73
CA GLU B 145 24.56 -31.10 5.50
C GLU B 145 25.28 -29.97 6.13
N ASP B 146 26.25 -29.26 5.63
CA ASP B 146 26.50 -28.34 6.69
C ASP B 146 26.07 -26.93 6.50
N ILE B 147 25.09 -26.66 5.66
CA ILE B 147 24.70 -25.30 5.76
C ILE B 147 23.35 -25.30 6.40
N ARG B 148 23.12 -24.77 7.50
CA ARG B 148 21.65 -24.78 7.60
C ARG B 148 21.24 -23.88 8.80
N MET B 149 20.24 -23.14 8.40
N MET B 149 21.17 -22.60 8.59
CA MET B 149 19.73 -21.83 8.81
CA MET B 149 19.80 -21.69 8.72
C MET B 149 18.39 -21.76 9.60
C MET B 149 18.38 -21.71 9.49
N GLY B 150 18.14 -20.55 10.15
CA GLY B 150 16.79 -20.27 10.83
C GLY B 150 16.25 -18.81 10.72
N ILE B 151 14.93 -18.67 10.56
CA ILE B 151 14.22 -17.40 10.70
C ILE B 151 13.17 -17.69 11.82
N VAL B 152 13.54 -17.34 13.06
CA VAL B 152 12.64 -17.81 14.18
C VAL B 152 12.14 -16.66 14.99
N ARG B 153 11.22 -16.95 15.94
CA ARG B 153 10.61 -15.80 16.80
C ARG B 153 10.41 -16.42 18.24
N SER B 154 11.08 -15.84 19.20
CA SER B 154 10.82 -16.13 20.59
C SER B 154 9.82 -15.03 21.20
N ASP B 155 8.66 -15.52 21.60
CA ASP B 155 7.55 -14.69 22.11
C ASP B 155 7.46 -14.72 23.64
N TYR B 156 7.29 -13.55 24.28
CA TYR B 156 7.42 -13.40 25.77
C TYR B 156 6.23 -12.58 26.28
N MET B 157 5.83 -12.84 27.54
CA MET B 157 4.92 -11.94 28.36
C MET B 157 5.68 -11.55 29.60
N ILE B 158 5.43 -10.37 30.15
CA ILE B 158 6.10 -10.09 31.44
C ILE B 158 4.99 -10.48 32.52
N ASP B 159 5.25 -11.51 33.34
CA ASP B 159 4.32 -11.89 34.41
C ASP B 159 4.33 -10.81 35.50
N GLU B 160 3.17 -10.21 35.79
CA GLU B 160 3.20 -9.13 36.78
C GLU B 160 3.72 -9.47 38.22
N LYS B 161 3.23 -10.55 38.78
CA LYS B 161 3.57 -10.86 40.10
C LYS B 161 5.11 -10.79 40.27
N THR B 162 5.76 -11.66 39.53
CA THR B 162 7.17 -11.89 39.57
C THR B 162 8.02 -10.76 38.93
N LYS B 163 7.40 -10.01 37.98
CA LYS B 163 8.03 -8.92 37.15
C LYS B 163 9.04 -9.56 36.23
N SER B 164 8.79 -10.81 35.83
CA SER B 164 9.76 -11.50 34.97
C SER B 164 9.32 -11.71 33.53
N LEU B 165 10.28 -11.52 32.65
CA LEU B 165 10.13 -11.79 31.19
C LEU B 165 10.10 -13.29 30.98
N LEU B 166 8.99 -13.78 30.58
CA LEU B 166 8.78 -15.24 30.37
C LEU B 166 8.44 -15.59 28.99
N GLN B 167 9.14 -16.63 28.43
CA GLN B 167 8.74 -17.18 27.15
C GLN B 167 7.47 -17.98 27.09
N ILE B 168 6.55 -17.52 26.24
CA ILE B 168 5.29 -18.19 25.92
C ILE B 168 5.64 -19.42 25.06
N GLU B 169 6.35 -19.16 23.94
CA GLU B 169 6.61 -20.21 22.99
C GLU B 169 7.84 -19.81 22.12
N MET B 170 8.41 -20.84 21.53
CA MET B 170 9.43 -20.70 20.45
C MET B 170 8.86 -21.04 19.13
N ASN B 171 9.01 -20.10 18.13
CA ASN B 171 8.44 -20.36 16.83
C ASN B 171 9.65 -20.60 15.84
N THR B 172 9.79 -21.80 15.40
CA THR B 172 10.91 -22.17 14.51
C THR B 172 10.55 -22.29 13.05
N ILE B 173 9.27 -22.16 12.74
CA ILE B 173 8.70 -22.39 11.38
C ILE B 173 7.69 -21.33 10.97
N SER B 174 7.83 -20.82 9.72
CA SER B 174 6.90 -19.82 9.12
C SER B 174 6.46 -18.72 10.11
N THR B 175 7.44 -18.07 10.68
CA THR B 175 7.16 -17.05 11.64
C THR B 175 6.58 -15.78 10.91
N SER B 176 5.45 -15.31 11.40
N SER B 176 5.38 -15.37 11.30
CA SER B 176 4.81 -14.18 10.78
CA SER B 176 4.74 -14.25 10.62
C SER B 176 5.23 -12.84 11.31
C SER B 176 5.13 -12.94 11.26
N PHE B 177 4.81 -11.82 10.55
CA PHE B 177 4.84 -10.47 10.99
C PHE B 177 6.16 -9.84 11.08
N ALA B 178 7.23 -10.33 10.27
CA ALA B 178 8.34 -9.47 10.15
C ALA B 178 8.03 -8.15 9.42
N LEU B 179 7.16 -8.16 8.41
CA LEU B 179 6.89 -6.89 7.80
C LEU B 179 5.80 -6.08 8.62
N ILE B 180 4.87 -6.84 9.10
CA ILE B 180 3.71 -6.23 9.91
C ILE B 180 4.32 -5.50 11.16
N GLY B 181 5.21 -6.25 11.88
CA GLY B 181 5.94 -5.72 13.03
C GLY B 181 6.74 -4.47 12.63
N CYS B 182 7.50 -4.53 11.55
CA CYS B 182 8.27 -3.34 11.23
C CYS B 182 7.39 -2.17 10.72
N LEU B 183 6.16 -2.41 10.12
CA LEU B 183 5.30 -1.39 9.57
C LEU B 183 4.55 -0.80 10.90
N MET B 184 4.31 -1.66 11.87
CA MET B 184 3.66 -1.14 13.16
C MET B 184 4.63 -0.14 13.77
N THR B 185 5.91 -0.44 13.75
CA THR B 185 6.95 0.43 14.32
C THR B 185 6.96 1.77 13.51
N GLY B 186 6.84 1.68 12.19
CA GLY B 186 6.73 2.87 11.38
C GLY B 186 5.44 3.68 11.81
N LEU B 187 4.29 3.01 11.93
CA LEU B 187 3.06 3.63 12.25
C LEU B 187 3.17 4.37 13.59
N HIS B 188 3.65 3.66 14.60
CA HIS B 188 3.67 4.27 15.98
C HIS B 188 4.63 5.43 15.97
N LYS B 189 5.79 5.27 15.28
CA LYS B 189 6.71 6.42 15.22
C LYS B 189 6.10 7.59 14.52
N SER B 190 5.36 7.38 13.43
CA SER B 190 4.72 8.52 12.71
C SER B 190 3.57 9.13 13.63
N LEU B 191 2.79 8.30 14.31
CA LEU B 191 1.71 8.87 15.18
C LEU B 191 2.36 9.65 16.35
N LEU B 192 3.41 9.10 16.95
CA LEU B 192 4.09 9.81 18.04
C LEU B 192 4.83 11.06 17.57
N SER B 193 5.49 11.05 16.41
N SER B 193 5.49 11.12 16.41
CA SER B 193 5.96 12.31 15.89
CA SER B 193 6.02 12.43 16.00
C SER B 193 4.92 13.42 15.84
C SER B 193 4.92 13.50 15.70
N GLN B 194 3.71 13.11 15.34
CA GLN B 194 2.70 14.16 15.08
C GLN B 194 2.00 14.58 16.48
N TYR B 195 1.72 13.58 17.28
CA TYR B 195 0.82 13.71 18.44
C TYR B 195 1.49 13.56 19.77
N GLY B 196 2.77 13.16 19.77
CA GLY B 196 3.58 12.86 20.96
C GLY B 196 3.62 14.05 21.99
N LYS B 197 3.74 15.29 21.49
CA LYS B 197 3.74 16.46 22.27
C LYS B 197 2.42 16.47 23.16
N PHE B 198 1.24 16.22 22.62
CA PHE B 198 0.00 16.27 23.37
C PHE B 198 -0.04 15.13 24.39
N LEU B 199 0.69 14.05 24.20
CA LEU B 199 0.55 12.92 25.06
C LEU B 199 1.85 12.94 25.80
N GLY B 200 2.15 12.29 26.89
CA GLY B 200 3.59 12.59 27.28
C GLY B 200 4.52 11.65 26.50
N LEU B 201 4.57 11.73 25.15
CA LEU B 201 5.26 10.53 24.47
C LEU B 201 6.30 10.83 23.37
N ASN B 202 7.37 10.06 23.31
CA ASN B 202 8.43 10.39 22.35
C ASN B 202 8.59 9.20 21.37
N SER B 203 8.61 9.42 20.05
CA SER B 203 8.69 8.24 19.01
C SER B 203 9.96 7.49 19.26
N ASN B 204 10.98 8.14 19.90
CA ASN B 204 12.22 7.49 19.97
C ASN B 204 12.24 6.38 21.01
N ARG B 205 11.18 6.26 21.82
CA ARG B 205 11.01 5.19 22.86
C ARG B 205 10.25 4.01 22.30
N VAL B 206 9.83 4.07 21.02
CA VAL B 206 9.44 2.81 20.28
C VAL B 206 10.68 2.23 19.57
N PRO B 207 11.07 1.01 19.94
CA PRO B 207 12.37 0.49 19.54
C PRO B 207 12.50 0.51 17.99
N ALA B 208 13.67 0.94 17.47
CA ALA B 208 13.93 0.71 15.98
C ALA B 208 13.72 -0.76 15.53
N ASN B 209 13.21 -0.96 14.30
CA ASN B 209 12.78 -2.27 13.92
C ASN B 209 13.25 -2.50 12.38
N ASN B 210 14.02 -3.53 12.21
CA ASN B 210 14.53 -3.90 10.89
C ASN B 210 14.05 -5.34 10.44
N ALA B 211 12.96 -5.93 11.02
CA ALA B 211 12.70 -7.30 10.97
C ALA B 211 12.54 -7.86 9.50
N VAL B 212 11.70 -7.20 8.70
CA VAL B 212 11.49 -7.67 7.30
C VAL B 212 12.83 -7.73 6.42
N ASP B 213 13.63 -6.67 6.52
CA ASP B 213 14.90 -6.53 5.84
C ASP B 213 15.82 -7.64 6.34
N GLN B 214 15.85 -7.86 7.64
CA GLN B 214 16.67 -8.91 8.22
C GLN B 214 16.31 -10.31 7.78
N SER B 215 15.01 -10.57 7.75
N SER B 215 15.03 -10.64 7.76
CA SER B 215 14.41 -11.75 7.21
CA SER B 215 14.60 -11.91 7.25
C SER B 215 14.89 -11.99 5.74
C SER B 215 14.95 -12.02 5.71
N ALA B 216 14.69 -10.96 4.89
CA ALA B 216 15.15 -11.12 3.40
C ALA B 216 16.70 -11.33 3.35
N GLU B 217 17.44 -10.65 4.17
CA GLU B 217 18.89 -10.67 4.18
C GLU B 217 19.37 -12.07 4.58
N ALA B 218 18.60 -12.78 5.49
CA ALA B 218 19.01 -14.16 5.86
C ALA B 218 18.81 -15.18 4.74
N LEU B 219 17.69 -15.10 4.10
CA LEU B 219 17.32 -15.81 2.87
C LEU B 219 18.40 -15.57 1.75
N ALA B 220 18.75 -14.31 1.44
CA ALA B 220 19.81 -13.95 0.45
C ALA B 220 21.17 -14.55 0.79
N LYS B 221 21.62 -14.40 2.02
CA LYS B 221 22.88 -14.98 2.47
C LYS B 221 22.93 -16.47 2.44
N ALA B 222 21.85 -17.15 2.82
CA ALA B 222 21.74 -18.59 2.67
C ALA B 222 21.86 -19.05 1.19
N TRP B 223 21.08 -18.36 0.36
CA TRP B 223 21.11 -18.58 -1.11
C TRP B 223 22.60 -18.45 -1.71
N SER B 224 23.32 -17.44 -1.22
CA SER B 224 24.72 -17.12 -1.47
C SER B 224 25.63 -18.25 -0.96
N GLU B 225 25.34 -18.88 0.18
CA GLU B 225 26.16 -19.98 0.68
C GLU B 225 25.97 -21.19 -0.16
N TYR B 226 24.74 -21.53 -0.50
CA TYR B 226 24.52 -22.66 -1.39
C TYR B 226 25.44 -22.33 -2.68
N ASN B 227 25.37 -21.06 -3.15
CA ASN B 227 26.21 -20.52 -4.23
C ASN B 227 25.90 -21.22 -5.56
N ASN B 228 24.72 -20.98 -6.13
CA ASN B 228 24.44 -21.27 -7.50
C ASN B 228 23.56 -20.06 -7.93
N PRO B 229 24.12 -19.13 -8.78
CA PRO B 229 23.40 -17.89 -9.12
C PRO B 229 22.18 -18.01 -10.01
N ARG B 230 21.99 -19.20 -10.49
CA ARG B 230 20.80 -19.39 -11.31
C ARG B 230 19.67 -20.13 -10.55
N ALA B 231 19.95 -20.55 -9.35
CA ALA B 231 18.94 -21.16 -8.51
C ALA B 231 17.97 -20.01 -7.97
N ALA B 232 16.81 -20.47 -7.56
CA ALA B 232 15.79 -19.55 -7.00
C ALA B 232 15.48 -20.02 -5.51
N ILE B 233 14.66 -19.21 -4.91
CA ILE B 233 14.11 -19.49 -3.56
C ILE B 233 12.69 -19.95 -3.81
N LEU B 234 12.34 -21.16 -3.31
CA LEU B 234 11.03 -21.71 -3.30
C LEU B 234 10.25 -21.25 -1.98
N VAL B 235 9.18 -20.49 -2.19
CA VAL B 235 8.38 -20.07 -0.89
C VAL B 235 7.18 -21.01 -0.85
N VAL B 236 7.01 -21.70 0.27
CA VAL B 236 5.95 -22.70 0.36
C VAL B 236 4.77 -21.96 1.09
N VAL B 237 3.66 -21.86 0.42
CA VAL B 237 2.58 -21.07 0.97
C VAL B 237 1.33 -21.93 1.10
N GLN B 238 0.32 -21.31 1.78
CA GLN B 238 -0.92 -21.98 1.96
C GLN B 238 -1.81 -21.63 0.82
N VAL B 239 -2.83 -22.44 0.65
CA VAL B 239 -3.79 -22.26 -0.47
C VAL B 239 -4.53 -20.96 -0.24
N GLU B 240 -4.88 -20.62 1.03
CA GLU B 240 -5.52 -19.27 1.21
C GLU B 240 -4.62 -18.55 2.16
N GLU B 241 -4.31 -17.32 1.79
CA GLU B 241 -3.31 -16.59 2.50
C GLU B 241 -3.68 -15.16 2.40
N ARG B 242 -4.53 -14.77 3.33
CA ARG B 242 -4.83 -13.32 3.51
C ARG B 242 -3.72 -12.42 3.90
N ASN B 243 -2.70 -12.99 4.54
CA ASN B 243 -1.48 -12.26 4.90
C ASN B 243 -0.35 -12.41 3.77
N MET B 244 -0.78 -12.56 2.53
CA MET B 244 0.13 -12.84 1.40
C MET B 244 1.05 -11.68 1.16
N TYR B 245 0.59 -10.44 1.46
CA TYR B 245 1.40 -9.24 1.16
C TYR B 245 2.75 -9.21 1.83
N GLU B 246 2.78 -9.71 3.07
CA GLU B 246 4.02 -9.80 3.72
C GLU B 246 5.02 -10.75 2.97
N GLN B 247 4.53 -11.88 2.51
N GLN B 247 4.50 -11.88 2.49
CA GLN B 247 5.39 -12.78 1.70
CA GLN B 247 5.28 -12.81 1.61
C GLN B 247 5.76 -12.16 0.34
C GLN B 247 5.75 -12.09 0.38
N HIS B 248 4.80 -11.50 -0.37
CA HIS B 248 5.11 -10.69 -1.56
C HIS B 248 6.14 -9.61 -1.25
N TYR B 249 6.09 -8.95 -0.05
CA TYR B 249 7.11 -7.91 0.22
C TYR B 249 8.48 -8.57 0.34
N ILE B 250 8.58 -9.74 1.03
CA ILE B 250 9.90 -10.33 1.17
C ILE B 250 10.49 -10.76 -0.25
N SER B 251 9.67 -11.39 -1.08
CA SER B 251 10.09 -11.70 -2.41
C SER B 251 10.41 -10.44 -3.18
N ALA B 252 9.68 -9.36 -3.05
CA ALA B 252 10.12 -8.13 -3.70
C ALA B 252 11.50 -7.58 -3.23
N LEU B 253 11.79 -7.60 -1.93
CA LEU B 253 13.09 -7.44 -1.46
C LEU B 253 14.18 -8.37 -2.09
N LEU B 254 13.94 -9.66 -2.16
CA LEU B 254 14.91 -10.62 -2.64
C LEU B 254 15.23 -10.19 -4.11
N ARG B 255 14.16 -9.94 -4.89
CA ARG B 255 14.25 -9.59 -6.30
C ARG B 255 14.95 -8.25 -6.55
N GLU B 256 14.45 -7.20 -5.85
CA GLU B 256 14.88 -5.88 -6.16
C GLU B 256 16.25 -5.47 -5.48
N LYS B 257 16.48 -5.93 -4.25
CA LYS B 257 17.60 -5.56 -3.49
C LYS B 257 18.67 -6.66 -3.69
N HIS B 258 18.32 -7.97 -3.63
CA HIS B 258 19.34 -8.97 -3.53
C HIS B 258 19.59 -9.69 -4.93
N HIS B 259 18.77 -9.27 -5.90
CA HIS B 259 18.56 -9.85 -7.19
C HIS B 259 18.47 -11.38 -7.24
N ILE B 260 17.53 -12.01 -6.47
CA ILE B 260 17.33 -13.43 -6.31
C ILE B 260 15.86 -13.65 -6.65
N ARG B 261 15.59 -14.52 -7.60
CA ARG B 261 14.27 -15.04 -7.93
C ARG B 261 13.60 -15.88 -6.87
N SER B 262 12.26 -15.64 -6.77
CA SER B 262 11.36 -16.48 -5.87
C SER B 262 10.36 -17.10 -6.71
N ILE B 263 9.98 -18.27 -6.33
CA ILE B 263 8.73 -18.84 -6.81
C ILE B 263 7.79 -19.32 -5.63
N ARG B 264 6.47 -19.11 -5.74
CA ARG B 264 5.51 -19.52 -4.70
C ARG B 264 4.68 -20.62 -5.16
N LYS B 265 4.69 -21.66 -4.34
CA LYS B 265 3.98 -22.87 -4.62
C LYS B 265 3.33 -23.42 -3.33
N THR B 266 2.11 -24.01 -3.51
CA THR B 266 1.54 -24.80 -2.43
C THR B 266 2.30 -26.20 -2.38
N LEU B 267 2.23 -26.93 -1.24
CA LEU B 267 2.68 -28.23 -1.16
C LEU B 267 2.07 -29.16 -2.22
N THR B 268 0.75 -29.10 -2.52
CA THR B 268 0.19 -29.79 -3.70
C THR B 268 0.96 -29.49 -5.00
N GLU B 269 1.10 -28.22 -5.40
CA GLU B 269 1.85 -27.90 -6.60
C GLU B 269 3.30 -28.41 -6.59
N ILE B 270 4.00 -28.41 -5.45
CA ILE B 270 5.36 -28.97 -5.32
C ILE B 270 5.33 -30.50 -5.58
N ASP B 271 4.31 -31.22 -5.07
CA ASP B 271 4.16 -32.63 -5.40
C ASP B 271 3.92 -32.85 -6.90
N GLN B 272 3.17 -31.97 -7.53
CA GLN B 272 2.83 -32.05 -8.91
C GLN B 272 3.98 -31.67 -9.87
N GLU B 273 4.72 -30.60 -9.55
CA GLU B 273 5.80 -30.00 -10.39
C GLU B 273 7.21 -30.22 -9.96
N GLY B 274 7.43 -30.89 -8.82
CA GLY B 274 8.73 -31.05 -8.19
C GLY B 274 9.48 -32.39 -8.51
N LYS B 275 10.80 -32.38 -8.54
CA LYS B 275 11.59 -33.62 -8.66
C LYS B 275 12.97 -33.25 -8.10
N ILE B 276 13.72 -34.29 -7.75
CA ILE B 276 15.08 -34.23 -7.35
C ILE B 276 15.84 -34.67 -8.62
N LEU B 277 16.67 -33.77 -9.13
CA LEU B 277 17.57 -34.02 -10.30
C LEU B 277 18.62 -35.04 -9.91
N PRO B 278 19.18 -35.68 -10.98
CA PRO B 278 20.18 -36.68 -10.59
C PRO B 278 21.31 -36.12 -9.65
N ASP B 279 21.66 -34.86 -9.70
CA ASP B 279 22.69 -34.39 -8.81
C ASP B 279 22.19 -34.01 -7.34
N GLY B 280 20.95 -34.39 -7.00
CA GLY B 280 20.33 -34.15 -5.72
C GLY B 280 19.63 -32.80 -5.61
N THR B 281 19.57 -32.03 -6.73
CA THR B 281 18.99 -30.68 -6.72
C THR B 281 17.46 -30.64 -6.85
N LEU B 282 16.79 -29.88 -6.02
CA LEU B 282 15.33 -29.74 -6.10
C LEU B 282 14.98 -28.94 -7.37
N SER B 283 14.07 -29.41 -8.21
CA SER B 283 13.68 -28.58 -9.32
C SER B 283 12.22 -28.51 -9.24
N VAL B 284 11.67 -27.35 -9.38
CA VAL B 284 10.21 -27.26 -9.33
C VAL B 284 9.72 -26.52 -10.58
N ASP B 285 8.83 -27.16 -11.28
CA ASP B 285 8.35 -26.65 -12.59
C ASP B 285 9.51 -26.22 -13.54
N GLY B 286 10.56 -26.99 -13.51
CA GLY B 286 11.72 -26.68 -14.30
C GLY B 286 12.72 -25.64 -13.79
N GLN B 287 12.53 -25.18 -12.56
CA GLN B 287 13.39 -24.11 -11.97
C GLN B 287 14.17 -24.79 -10.85
N ALA B 288 15.54 -24.72 -10.83
CA ALA B 288 16.37 -25.31 -9.81
C ALA B 288 16.09 -24.38 -8.55
N ILE B 289 16.05 -25.02 -7.42
CA ILE B 289 15.86 -24.30 -6.12
C ILE B 289 17.00 -24.54 -5.20
N SER B 290 17.61 -23.47 -4.70
CA SER B 290 18.60 -23.71 -3.68
C SER B 290 18.16 -23.49 -2.13
N VAL B 291 17.09 -22.76 -2.02
CA VAL B 291 16.55 -22.37 -0.62
C VAL B 291 15.07 -22.64 -0.62
N VAL B 292 14.56 -23.24 0.48
CA VAL B 292 13.09 -23.49 0.57
C VAL B 292 12.66 -22.72 1.87
N TYR B 293 11.90 -21.65 1.68
CA TYR B 293 11.37 -20.84 2.75
C TYR B 293 9.87 -21.22 3.09
N PHE B 294 9.65 -21.72 4.29
CA PHE B 294 8.26 -22.25 4.59
C PHE B 294 7.41 -21.10 5.13
N ARG B 295 6.31 -20.87 4.41
CA ARG B 295 5.21 -19.99 4.96
C ARG B 295 3.99 -20.86 5.14
N ALA B 296 4.25 -22.15 5.39
CA ALA B 296 3.23 -23.22 5.39
C ALA B 296 3.82 -24.54 5.84
N GLY B 297 2.94 -25.56 6.02
CA GLY B 297 3.29 -26.97 6.44
C GLY B 297 3.50 -27.13 7.91
N TYR B 298 3.03 -26.15 8.71
CA TYR B 298 3.12 -26.15 10.17
C TYR B 298 1.78 -26.64 10.82
N THR B 299 0.73 -26.91 10.05
CA THR B 299 -0.58 -27.33 10.49
C THR B 299 -0.97 -28.52 9.62
N PRO B 300 -1.69 -29.49 10.25
CA PRO B 300 -2.34 -30.63 9.50
C PRO B 300 -3.25 -30.17 8.43
N LYS B 301 -3.77 -28.93 8.55
CA LYS B 301 -4.67 -28.41 7.54
C LYS B 301 -3.95 -28.21 6.17
N ASP B 302 -2.64 -28.05 6.24
CA ASP B 302 -1.84 -27.95 4.96
C ASP B 302 -1.56 -29.29 4.19
N TYR B 303 -2.03 -30.37 4.79
CA TYR B 303 -1.82 -31.76 4.36
C TYR B 303 -3.17 -32.52 4.19
N PRO B 304 -4.02 -32.02 3.32
CA PRO B 304 -5.23 -32.73 3.02
C PRO B 304 -5.06 -34.16 2.48
N SER B 305 -3.96 -34.47 1.76
CA SER B 305 -3.62 -35.70 1.02
C SER B 305 -2.19 -36.16 1.37
N GLU B 306 -1.91 -37.39 0.91
CA GLU B 306 -0.51 -37.92 0.74
C GLU B 306 0.33 -37.05 -0.22
N SER B 307 -0.33 -36.37 -1.16
N SER B 307 -0.32 -36.37 -1.18
CA SER B 307 0.32 -35.42 -2.08
CA SER B 307 0.30 -35.37 -2.04
C SER B 307 1.23 -34.39 -1.35
C SER B 307 1.28 -34.45 -1.27
N GLU B 308 0.72 -33.77 -0.26
CA GLU B 308 1.46 -32.80 0.49
C GLU B 308 2.59 -33.36 1.33
N TRP B 309 2.42 -34.59 1.90
CA TRP B 309 3.47 -35.24 2.64
C TRP B 309 4.58 -35.69 1.70
N ARG B 310 4.23 -36.11 0.51
CA ARG B 310 5.27 -36.51 -0.45
C ARG B 310 6.12 -35.32 -0.80
N ALA B 311 5.48 -34.17 -1.14
CA ALA B 311 6.16 -32.88 -1.39
C ALA B 311 7.05 -32.54 -0.23
N ARG B 312 6.57 -32.60 1.02
CA ARG B 312 7.42 -32.29 2.14
C ARG B 312 8.76 -33.17 2.21
N LEU B 313 8.58 -34.48 2.17
CA LEU B 313 9.68 -35.48 2.12
C LEU B 313 10.61 -35.15 0.89
N LEU B 314 9.99 -34.96 -0.28
CA LEU B 314 10.78 -34.64 -1.52
C LEU B 314 11.69 -33.45 -1.28
N MET B 315 11.16 -32.33 -0.77
CA MET B 315 12.03 -31.27 -0.43
C MET B 315 13.02 -31.54 0.62
N GLU B 316 12.66 -32.33 1.67
CA GLU B 316 13.69 -32.60 2.72
C GLU B 316 14.94 -33.38 2.18
N GLN B 317 14.69 -34.33 1.27
CA GLN B 317 15.70 -35.17 0.63
C GLN B 317 16.62 -34.34 -0.32
N SER B 318 16.23 -33.10 -0.66
N SER B 318 15.90 -33.49 -1.12
CA SER B 318 17.08 -32.19 -1.48
CA SER B 318 16.49 -32.48 -2.07
C SER B 318 18.30 -31.51 -0.81
C SER B 318 17.69 -31.87 -1.35
N SER B 319 19.26 -31.15 -1.63
N SER B 319 18.67 -31.35 -2.15
CA SER B 319 20.32 -30.39 -1.08
CA SER B 319 19.89 -30.61 -1.66
C SER B 319 19.79 -28.91 -0.96
C SER B 319 19.69 -29.15 -1.06
N ALA B 320 18.53 -28.59 -1.33
CA ALA B 320 18.12 -27.21 -1.00
C ALA B 320 18.25 -26.93 0.50
N ILE B 321 18.64 -25.72 0.82
CA ILE B 321 18.76 -25.26 2.24
C ILE B 321 17.30 -25.03 2.74
N LYS B 322 16.79 -25.80 3.70
CA LYS B 322 15.36 -25.56 4.18
C LYS B 322 15.40 -24.50 5.28
N CYS B 323 14.35 -23.66 5.34
CA CYS B 323 14.18 -22.73 6.40
C CYS B 323 12.66 -22.88 6.89
N PRO B 324 12.33 -23.73 7.88
CA PRO B 324 13.43 -24.54 8.48
C PRO B 324 13.50 -25.98 7.96
N THR B 325 14.56 -26.67 8.44
CA THR B 325 14.60 -28.14 8.35
C THR B 325 13.59 -28.91 9.25
N ILE B 326 13.33 -30.22 8.94
CA ILE B 326 12.43 -30.99 9.71
C ILE B 326 12.89 -31.03 11.22
N SER B 327 14.19 -31.10 11.47
CA SER B 327 14.71 -31.15 12.83
C SER B 327 14.37 -29.82 13.48
N TYR B 328 14.69 -28.70 12.86
CA TYR B 328 14.22 -27.36 13.44
C TYR B 328 12.77 -27.34 13.70
N HIS B 329 11.95 -27.82 12.79
CA HIS B 329 10.51 -27.83 12.95
C HIS B 329 10.11 -28.54 14.29
N LEU B 330 10.68 -29.74 14.52
CA LEU B 330 10.44 -30.49 15.71
C LEU B 330 10.88 -29.75 16.98
N VAL B 331 11.96 -28.98 16.96
CA VAL B 331 12.43 -28.26 18.09
C VAL B 331 11.37 -27.28 18.64
N GLY B 332 10.63 -26.65 17.68
CA GLY B 332 9.61 -25.66 17.97
C GLY B 332 8.31 -26.30 18.52
N THR B 333 8.16 -27.66 18.63
CA THR B 333 6.96 -28.27 19.19
C THR B 333 6.88 -27.85 20.71
N LYS B 334 5.67 -27.80 21.26
CA LYS B 334 5.49 -27.35 22.67
C LYS B 334 6.01 -28.49 23.61
N LYS B 335 5.90 -29.80 23.14
CA LYS B 335 6.49 -30.94 23.87
C LYS B 335 8.01 -30.71 24.05
N ILE B 336 8.84 -30.40 22.98
CA ILE B 336 10.24 -29.99 23.27
C ILE B 336 10.53 -28.80 24.12
N GLN B 337 9.72 -27.73 23.96
CA GLN B 337 9.91 -26.60 24.85
C GLN B 337 9.78 -27.08 26.38
N GLN B 338 8.78 -27.90 26.60
CA GLN B 338 8.53 -28.57 27.93
C GLN B 338 9.76 -29.42 28.37
N GLU B 339 10.21 -30.39 27.50
CA GLU B 339 11.45 -31.20 27.80
C GLU B 339 12.65 -30.38 28.15
N LEU B 340 12.83 -29.24 27.43
CA LEU B 340 14.01 -28.44 27.61
C LEU B 340 14.03 -27.86 28.97
N ALA B 341 12.83 -27.75 29.56
CA ALA B 341 12.66 -27.04 30.81
C ALA B 341 12.92 -28.01 32.01
N LYS B 342 12.93 -29.28 31.72
CA LYS B 342 13.37 -30.29 32.73
C LYS B 342 14.77 -30.11 33.24
N PRO B 343 14.99 -30.44 34.57
CA PRO B 343 16.28 -30.35 35.28
C PRO B 343 17.49 -30.99 34.54
N GLY B 344 18.60 -30.23 34.37
CA GLY B 344 19.80 -30.58 33.57
C GLY B 344 19.68 -30.94 32.06
N VAL B 345 18.46 -30.87 31.39
CA VAL B 345 18.46 -31.14 29.93
C VAL B 345 18.98 -29.85 29.21
N LEU B 346 18.49 -28.60 29.51
CA LEU B 346 19.23 -27.47 28.92
C LEU B 346 20.76 -27.65 28.87
N GLU B 347 21.31 -28.18 29.95
CA GLU B 347 22.75 -28.35 30.05
C GLU B 347 23.34 -29.42 29.13
N ARG B 348 22.59 -30.39 28.56
CA ARG B 348 23.09 -31.24 27.48
C ARG B 348 23.46 -30.26 26.33
N PHE B 349 22.79 -29.09 26.25
CA PHE B 349 22.76 -28.36 24.92
C PHE B 349 23.43 -27.05 24.91
N VAL B 350 23.96 -26.62 26.07
CA VAL B 350 24.55 -25.32 26.18
C VAL B 350 25.64 -25.45 27.25
N GLU B 351 26.78 -24.82 27.05
CA GLU B 351 27.81 -24.99 28.10
C GLU B 351 28.26 -23.68 28.73
N ASN B 352 27.98 -22.59 28.00
CA ASN B 352 28.05 -21.26 28.47
C ASN B 352 27.10 -21.18 29.68
N LYS B 353 27.71 -21.06 30.88
CA LYS B 353 26.90 -20.89 32.10
C LYS B 353 26.17 -19.53 32.24
N ASP B 354 26.68 -18.39 31.79
CA ASP B 354 25.81 -17.19 31.77
C ASP B 354 24.45 -17.35 30.87
N HIS B 355 24.55 -18.10 29.75
CA HIS B 355 23.38 -18.42 28.89
C HIS B 355 22.39 -19.34 29.45
N ILE B 356 22.84 -20.42 30.09
CA ILE B 356 21.94 -21.29 30.81
C ILE B 356 21.15 -20.43 31.86
N ALA B 357 21.80 -19.50 32.57
CA ALA B 357 21.17 -18.70 33.56
C ALA B 357 19.96 -17.84 32.90
N LYS B 358 20.32 -17.04 31.88
CA LYS B 358 19.41 -16.23 31.04
C LYS B 358 18.29 -17.01 30.49
N LEU B 359 18.58 -18.22 29.99
CA LEU B 359 17.52 -19.12 29.48
C LEU B 359 16.56 -19.61 30.53
N ARG B 360 17.18 -20.18 31.56
N ARG B 360 17.05 -20.26 31.59
CA ARG B 360 16.51 -20.65 32.71
CA ARG B 360 16.10 -20.70 32.59
C ARG B 360 15.59 -19.57 33.25
C ARG B 360 15.43 -19.49 33.28
N ALA B 361 16.10 -18.33 33.37
CA ALA B 361 15.33 -17.07 33.84
C ALA B 361 14.00 -16.76 33.10
N CYS B 362 13.86 -17.14 31.78
CA CYS B 362 12.68 -16.80 31.03
C CYS B 362 11.76 -18.03 30.90
N PHE B 363 12.16 -19.15 31.52
CA PHE B 363 11.30 -20.28 31.45
C PHE B 363 10.29 -20.11 32.54
N ALA B 364 9.04 -20.36 32.16
CA ALA B 364 7.84 -20.40 33.05
C ALA B 364 7.70 -21.82 33.44
N GLY B 365 6.91 -22.07 34.50
CA GLY B 365 6.47 -23.46 34.69
C GLY B 365 5.95 -24.24 33.49
N LEU B 366 6.59 -25.42 33.22
CA LEU B 366 6.15 -26.32 32.11
C LEU B 366 6.22 -27.82 32.51
N TRP B 367 5.20 -28.63 32.17
CA TRP B 367 5.05 -29.94 32.76
C TRP B 367 4.43 -30.86 31.76
N SER B 368 4.87 -32.11 31.89
CA SER B 368 4.26 -33.19 31.15
C SER B 368 2.94 -33.61 31.83
N LEU B 369 1.92 -34.06 31.07
CA LEU B 369 0.72 -34.64 31.75
C LEU B 369 0.94 -35.98 32.53
N GLU B 370 2.19 -36.32 32.87
CA GLU B 370 2.62 -37.50 33.63
C GLU B 370 3.14 -37.03 34.95
N ASP B 371 3.41 -35.73 35.13
CA ASP B 371 3.68 -35.12 36.46
C ASP B 371 2.28 -34.98 37.12
N SER B 372 1.78 -36.00 37.86
CA SER B 372 0.31 -36.02 38.27
C SER B 372 0.00 -35.23 39.57
N ASP B 373 1.04 -34.97 40.37
CA ASP B 373 1.08 -33.81 41.25
C ASP B 373 0.49 -32.54 40.59
N ILE B 374 1.08 -32.13 39.44
CA ILE B 374 0.72 -30.88 38.79
C ILE B 374 -0.65 -31.02 38.02
N VAL B 375 -1.01 -32.24 37.57
CA VAL B 375 -2.42 -32.52 37.01
C VAL B 375 -3.60 -32.33 38.04
N LYS B 376 -3.47 -32.93 39.23
CA LYS B 376 -4.20 -32.53 40.48
C LYS B 376 -4.27 -30.96 40.70
N LYS B 377 -3.11 -30.30 40.81
CA LYS B 377 -2.99 -28.83 40.97
C LYS B 377 -3.79 -28.07 39.87
N ALA B 378 -3.81 -28.63 38.66
CA ALA B 378 -4.53 -28.09 37.48
C ALA B 378 -6.05 -28.35 37.35
N ILE B 379 -6.52 -29.57 37.68
CA ILE B 379 -7.96 -29.92 37.77
C ILE B 379 -8.62 -29.00 38.83
N GLU B 380 -7.84 -28.72 39.89
CA GLU B 380 -8.24 -28.03 41.10
C GLU B 380 -8.23 -26.49 40.89
N ASN B 381 -7.18 -25.99 40.21
CA ASN B 381 -7.04 -24.56 39.83
C ASN B 381 -6.82 -24.34 38.29
N PRO B 382 -7.83 -24.59 37.45
CA PRO B 382 -7.67 -24.53 35.97
C PRO B 382 -7.40 -23.09 35.39
N GLU B 383 -7.78 -22.08 36.17
CA GLU B 383 -7.51 -20.66 35.85
C GLU B 383 -5.97 -20.26 35.92
N LEU B 384 -5.16 -21.17 36.49
CA LEU B 384 -3.77 -20.95 36.77
C LEU B 384 -2.79 -21.60 35.68
N PHE B 385 -3.41 -22.14 34.63
CA PHE B 385 -2.76 -23.09 33.71
C PHE B 385 -3.12 -22.92 32.25
N VAL B 386 -2.15 -23.15 31.37
CA VAL B 386 -2.51 -23.39 29.96
C VAL B 386 -2.18 -24.85 29.43
N MET B 387 -3.06 -25.38 28.60
CA MET B 387 -2.89 -26.66 28.03
C MET B 387 -2.69 -26.57 26.51
N LYS B 388 -1.54 -27.04 26.01
CA LYS B 388 -1.24 -26.84 24.55
C LYS B 388 -0.98 -28.12 23.88
N PRO B 389 -1.71 -28.33 22.80
CA PRO B 389 -1.47 -29.43 21.87
C PRO B 389 -0.19 -29.11 21.00
N GLN B 390 0.28 -30.05 20.16
CA GLN B 390 1.52 -29.88 19.34
C GLN B 390 1.11 -29.25 17.97
N ARG B 391 0.81 -27.94 18.06
CA ARG B 391 0.25 -27.12 16.97
C ARG B 391 0.88 -25.76 17.10
N GLU B 392 0.64 -25.01 16.04
CA GLU B 392 1.24 -23.74 15.72
C GLU B 392 0.18 -22.96 14.98
N GLY B 393 -0.21 -21.87 15.54
CA GLY B 393 -0.79 -20.86 14.54
C GLY B 393 -2.06 -20.30 15.15
N GLY B 394 -2.23 -20.82 16.38
CA GLY B 394 -3.34 -20.43 17.32
C GLY B 394 -4.60 -21.18 16.90
N GLY B 395 -5.59 -21.06 17.82
CA GLY B 395 -6.82 -21.83 17.87
C GLY B 395 -6.81 -22.55 19.23
N ASN B 396 -5.72 -23.29 19.36
CA ASN B 396 -5.67 -24.69 19.78
C ASN B 396 -5.70 -24.90 21.30
N ASN B 397 -5.00 -24.01 22.04
CA ASN B 397 -4.84 -24.05 23.49
C ASN B 397 -6.15 -24.21 24.26
N ILE B 398 -6.04 -24.61 25.53
CA ILE B 398 -7.21 -24.91 26.39
C ILE B 398 -6.92 -24.29 27.74
N TYR B 399 -7.93 -23.59 28.30
CA TYR B 399 -7.86 -22.81 29.57
C TYR B 399 -9.08 -23.07 30.47
N GLY B 400 -8.90 -22.70 31.74
CA GLY B 400 -9.95 -22.69 32.80
C GLY B 400 -10.89 -23.89 32.74
N ASP B 401 -12.17 -23.64 32.35
CA ASP B 401 -13.21 -24.71 32.36
C ASP B 401 -12.95 -25.90 31.41
N GLU B 402 -12.70 -25.63 30.12
CA GLU B 402 -12.52 -26.66 29.08
C GLU B 402 -11.25 -27.49 29.39
N LEU B 403 -10.32 -26.90 30.16
CA LEU B 403 -9.06 -27.52 30.54
C LEU B 403 -9.27 -28.56 31.65
N ARG B 404 -10.03 -28.19 32.71
CA ARG B 404 -10.46 -29.19 33.76
C ARG B 404 -11.23 -30.36 33.16
N GLU B 405 -12.21 -30.05 32.31
CA GLU B 405 -13.05 -31.02 31.59
C GLU B 405 -12.25 -31.96 30.64
N THR B 406 -11.17 -31.43 30.06
CA THR B 406 -10.32 -32.24 29.16
C THR B 406 -9.37 -33.08 30.05
N LEU B 407 -8.86 -32.45 31.12
CA LEU B 407 -7.93 -33.13 32.01
C LEU B 407 -8.49 -34.31 32.77
N LEU B 408 -9.76 -34.17 33.25
CA LEU B 408 -10.57 -35.23 33.89
C LEU B 408 -10.61 -36.42 32.95
N LYS B 409 -11.17 -36.22 31.75
CA LYS B 409 -11.34 -37.29 30.69
C LYS B 409 -10.07 -37.77 29.95
N GLU B 417 -4.72 -40.55 24.74
CA GLU B 417 -4.03 -39.40 24.14
C GLU B 417 -3.53 -38.26 25.10
N ASP B 418 -2.83 -38.53 26.22
CA ASP B 418 -2.32 -37.36 27.03
C ASP B 418 -1.06 -36.71 26.45
N ALA B 419 -0.27 -37.56 25.76
CA ALA B 419 1.03 -37.19 25.10
C ALA B 419 0.88 -36.08 24.01
N ALA B 420 -0.34 -35.94 23.48
CA ALA B 420 -0.77 -34.77 22.68
C ALA B 420 -0.56 -33.37 23.42
N TYR B 421 -0.64 -33.33 24.78
CA TYR B 421 -0.57 -32.06 25.52
C TYR B 421 0.62 -31.84 26.41
N ILE B 422 0.92 -30.56 26.63
CA ILE B 422 1.66 -30.16 27.80
C ILE B 422 0.83 -29.21 28.62
N LEU B 423 1.29 -28.98 29.85
CA LEU B 423 0.77 -28.00 30.75
C LEU B 423 1.74 -26.90 31.04
N MET B 424 1.19 -25.68 31.12
CA MET B 424 2.09 -24.60 31.35
C MET B 424 1.55 -23.62 32.46
N GLN B 425 2.41 -23.07 33.29
CA GLN B 425 2.08 -21.90 34.08
C GLN B 425 1.36 -20.73 33.27
N ARG B 426 0.04 -20.41 33.58
CA ARG B 426 -0.66 -19.19 33.14
C ARG B 426 0.10 -17.97 33.61
N ILE B 427 0.48 -17.13 32.64
CA ILE B 427 1.15 -15.86 32.89
C ILE B 427 0.11 -14.73 32.84
N PHE B 428 0.30 -13.82 33.76
CA PHE B 428 -0.65 -12.66 33.93
C PHE B 428 0.00 -11.35 33.89
N PRO B 429 0.21 -10.75 32.62
CA PRO B 429 0.85 -9.43 32.58
C PRO B 429 -0.09 -8.34 33.30
N ALA B 430 0.53 -7.20 33.64
CA ALA B 430 -0.10 -5.89 33.88
C ALA B 430 -0.79 -5.47 32.59
N THR B 431 -2.04 -5.10 32.70
CA THR B 431 -2.94 -4.66 31.65
C THR B 431 -2.52 -3.21 31.33
N SER B 432 -2.96 -2.67 30.15
CA SER B 432 -2.79 -1.28 29.79
C SER B 432 -4.02 -0.87 28.98
N PRO B 433 -4.42 0.43 29.11
CA PRO B 433 -5.56 0.96 28.31
C PRO B 433 -4.98 0.92 26.76
N ALA B 434 -5.81 0.52 25.86
CA ALA B 434 -5.61 0.48 24.43
C ALA B 434 -6.78 1.02 23.72
N ILE B 435 -6.49 1.58 22.55
CA ILE B 435 -7.48 1.85 21.52
C ILE B 435 -7.39 0.78 20.43
N LEU B 436 -8.39 -0.03 20.24
CA LEU B 436 -8.28 -1.12 19.29
C LEU B 436 -9.01 -0.70 18.02
N VAL B 437 -8.26 -0.76 16.89
CA VAL B 437 -8.84 -0.35 15.55
C VAL B 437 -8.99 -1.54 14.71
N ARG B 438 -10.21 -1.80 14.28
N ARG B 438 -10.23 -1.74 14.21
CA ARG B 438 -10.52 -3.06 13.67
CA ARG B 438 -10.64 -2.79 13.28
C ARG B 438 -11.61 -2.73 12.64
C ARG B 438 -11.57 -2.32 12.19
N ASP B 439 -11.32 -2.94 11.36
N ASP B 439 -11.38 -2.88 11.01
CA ASP B 439 -12.25 -2.55 10.25
CA ASP B 439 -12.16 -2.49 9.85
C ASP B 439 -12.68 -1.06 10.15
C ASP B 439 -12.69 -1.06 10.07
N GLY B 440 -11.81 -0.15 10.51
CA GLY B 440 -12.04 1.27 10.35
C GLY B 440 -12.75 1.89 11.60
N ASN B 441 -13.08 1.05 12.56
CA ASN B 441 -13.81 1.47 13.81
C ASN B 441 -12.87 1.24 15.00
N TRP B 442 -12.97 2.07 16.02
CA TRP B 442 -12.09 1.99 17.22
C TRP B 442 -13.01 1.72 18.46
N ASP B 443 -12.44 1.01 19.44
CA ASP B 443 -13.00 0.85 20.78
C ASP B 443 -11.97 0.90 21.86
N THR B 444 -12.36 1.07 23.16
CA THR B 444 -11.41 1.11 24.27
C THR B 444 -11.44 -0.36 24.80
N GLY B 445 -10.32 -0.74 25.31
CA GLY B 445 -10.13 -2.06 25.97
C GLY B 445 -8.93 -2.02 26.80
N HIS B 446 -8.75 -3.06 27.63
CA HIS B 446 -7.72 -3.17 28.49
C HIS B 446 -7.06 -4.48 28.14
N VAL B 447 -5.77 -4.30 27.87
CA VAL B 447 -5.05 -5.38 27.10
C VAL B 447 -3.86 -5.92 27.83
N ILE B 448 -3.40 -7.06 27.30
CA ILE B 448 -2.07 -7.44 27.55
C ILE B 448 -1.30 -7.68 26.17
N SER B 449 -0.03 -7.46 26.21
N SER B 449 0.02 -7.56 26.34
CA SER B 449 0.78 -7.61 24.95
CA SER B 449 1.03 -7.56 25.21
C SER B 449 1.66 -8.85 25.14
C SER B 449 2.09 -8.68 25.25
N GLU B 450 2.33 -9.26 24.04
CA GLU B 450 3.22 -10.43 23.91
C GLU B 450 4.23 -9.98 22.85
N ALA B 451 5.48 -9.79 23.27
CA ALA B 451 6.63 -9.27 22.43
C ALA B 451 7.24 -10.54 21.69
N GLY B 452 7.25 -10.52 20.34
CA GLY B 452 7.93 -11.58 19.51
C GLY B 452 9.25 -11.05 19.03
N ILE B 453 10.38 -11.68 19.43
CA ILE B 453 11.75 -11.10 19.21
C ILE B 453 12.25 -12.09 18.11
N PHE B 454 12.42 -11.54 16.90
CA PHE B 454 12.94 -12.42 15.78
C PHE B 454 14.40 -12.69 15.96
N GLY B 455 14.76 -13.93 15.61
CA GLY B 455 16.17 -14.33 15.44
C GLY B 455 16.38 -14.82 14.00
N THR B 456 17.53 -14.46 13.53
CA THR B 456 17.99 -14.99 12.20
C THR B 456 19.35 -15.62 12.43
N TYR B 457 19.50 -16.77 11.74
CA TYR B 457 20.68 -17.61 11.93
C TYR B 457 21.13 -18.32 10.68
N LEU B 458 22.46 -18.32 10.50
CA LEU B 458 23.03 -19.03 9.23
C LEU B 458 24.39 -19.53 9.63
N ARG B 459 24.69 -20.75 9.38
N ARG B 459 24.49 -20.93 9.58
CA ARG B 459 26.09 -21.02 9.50
CA ARG B 459 25.59 -22.05 9.98
C ARG B 459 26.41 -21.90 8.31
C ARG B 459 26.34 -22.51 8.60
N ASN B 460 27.66 -22.23 8.28
CA ASN B 460 28.27 -22.99 7.08
C ASN B 460 29.29 -23.94 7.69
N LYS B 461 30.46 -23.67 8.07
CA LYS B 461 30.70 -25.13 8.67
C LYS B 461 30.53 -25.13 10.19
N ASP B 462 31.57 -24.65 10.64
CA ASP B 462 31.94 -24.32 11.90
C ASP B 462 31.82 -22.81 11.88
N LYS B 463 31.48 -22.30 10.70
CA LYS B 463 31.60 -20.86 10.44
C LYS B 463 30.17 -20.29 10.66
N ILE B 464 30.05 -19.45 11.66
CA ILE B 464 28.66 -18.99 11.90
C ILE B 464 28.53 -17.66 11.17
N ILE B 465 27.68 -17.60 10.15
CA ILE B 465 27.70 -16.34 9.32
C ILE B 465 26.70 -15.23 9.90
N ILE B 466 25.62 -15.69 10.48
CA ILE B 466 24.53 -14.74 11.00
C ILE B 466 24.06 -15.42 12.25
N ASN B 467 24.08 -14.65 13.34
CA ASN B 467 23.44 -15.19 14.48
C ASN B 467 22.94 -13.94 15.29
N ASN B 468 21.71 -13.50 14.99
CA ASN B 468 21.32 -12.08 15.21
C ASN B 468 19.93 -11.98 15.90
N GLU B 469 19.79 -10.98 16.78
CA GLU B 469 18.46 -10.47 17.11
C GLU B 469 18.07 -9.64 15.79
N SER B 470 16.91 -9.84 15.20
CA SER B 470 16.52 -9.21 13.92
C SER B 470 15.12 -8.56 14.04
N GLY B 471 14.92 -7.69 15.07
CA GLY B 471 13.61 -6.89 15.19
C GLY B 471 12.56 -7.70 15.84
N TYR B 472 11.36 -7.18 15.62
CA TYR B 472 10.25 -7.63 16.49
C TYR B 472 8.91 -7.51 15.93
N MET B 473 7.97 -8.13 16.64
CA MET B 473 6.54 -7.86 16.37
C MET B 473 5.93 -7.88 17.88
N VAL B 474 4.75 -7.25 18.10
CA VAL B 474 4.02 -7.56 19.34
C VAL B 474 2.55 -7.63 18.99
N ARG B 475 2.03 -8.62 19.63
CA ARG B 475 0.65 -9.02 19.55
C ARG B 475 -0.06 -8.62 20.92
N THR B 476 -1.21 -8.03 20.73
CA THR B 476 -1.97 -7.41 21.86
C THR B 476 -3.39 -7.96 21.79
N LYS B 477 -3.96 -8.28 23.04
CA LYS B 477 -5.28 -8.79 23.03
C LYS B 477 -6.03 -8.25 24.33
N ILE B 478 -7.33 -8.29 24.23
CA ILE B 478 -8.18 -7.95 25.53
C ILE B 478 -7.66 -8.90 26.63
N SER B 479 -7.33 -8.35 27.83
CA SER B 479 -6.63 -9.05 28.90
C SER B 479 -7.16 -10.39 29.24
N SER B 480 -8.46 -10.53 29.16
CA SER B 480 -9.13 -11.74 29.58
C SER B 480 -9.38 -12.73 28.43
N SER B 481 -9.20 -12.35 27.14
N SER B 481 -9.04 -12.38 27.18
CA SER B 481 -9.40 -13.28 25.96
CA SER B 481 -9.16 -13.33 26.06
C SER B 481 -8.35 -14.44 26.01
C SER B 481 -8.27 -14.56 26.26
N TYR B 482 -8.80 -15.67 25.82
CA TYR B 482 -7.96 -16.92 25.74
C TYR B 482 -7.14 -16.75 24.41
N GLU B 483 -7.82 -16.66 23.28
CA GLU B 483 -7.14 -16.56 21.99
C GLU B 483 -6.68 -15.14 21.76
N GLY B 484 -5.50 -14.97 21.07
CA GLY B 484 -5.10 -13.59 20.61
C GLY B 484 -4.62 -13.53 19.16
N GLY B 485 -5.07 -14.49 18.31
CA GLY B 485 -4.65 -14.59 16.92
C GLY B 485 -5.18 -13.34 16.22
N VAL B 486 -4.28 -12.65 15.50
CA VAL B 486 -4.69 -11.40 14.81
C VAL B 486 -5.62 -11.65 13.59
N LEU B 487 -5.17 -12.46 12.70
CA LEU B 487 -5.93 -12.76 11.50
C LEU B 487 -7.25 -13.49 11.91
N PRO B 488 -7.20 -14.45 12.92
CA PRO B 488 -8.55 -14.93 13.47
C PRO B 488 -9.61 -13.94 14.10
N GLY B 489 -9.23 -12.75 14.47
CA GLY B 489 -10.23 -11.76 14.96
C GLY B 489 -10.11 -11.57 16.47
N PHE B 490 -9.09 -12.09 17.06
CA PHE B 490 -8.98 -12.11 18.51
C PHE B 490 -8.00 -11.14 19.04
N GLY B 491 -7.05 -10.71 18.21
CA GLY B 491 -5.93 -9.91 18.67
C GLY B 491 -5.63 -8.80 17.67
N VAL B 492 -4.79 -7.88 18.08
CA VAL B 492 -4.34 -6.78 17.22
C VAL B 492 -2.84 -6.73 17.22
N VAL B 493 -2.19 -6.14 16.15
CA VAL B 493 -0.81 -5.78 16.29
C VAL B 493 -0.50 -4.44 16.94
N ASP B 494 0.69 -4.33 17.46
CA ASP B 494 1.17 -3.25 18.38
C ASP B 494 2.66 -3.08 18.28
N THR B 495 3.17 -2.12 19.08
CA THR B 495 4.63 -2.04 19.37
C THR B 495 4.83 -2.02 20.96
N VAL B 496 5.87 -1.39 21.43
CA VAL B 496 6.04 -1.19 22.83
C VAL B 496 6.61 0.18 22.92
N TYR B 497 6.41 0.77 24.13
CA TYR B 497 6.88 2.07 24.44
C TYR B 497 7.86 1.82 25.54
N LEU B 498 9.16 2.12 25.35
CA LEU B 498 10.09 1.67 26.42
C LEU B 498 10.11 2.55 27.71
N THR B 499 10.01 1.84 28.76
CA THR B 499 9.94 2.48 30.05
C THR B 499 11.26 2.39 30.78
#